data_6RUE
#
_entry.id   6RUE
#
_cell.length_a   64.920
_cell.length_b   134.360
_cell.length_c   73.150
_cell.angle_alpha   90.00
_cell.angle_beta   93.70
_cell.angle_gamma   90.00
#
_symmetry.space_group_name_H-M   'P 1 21 1'
#
loop_
_entity.id
_entity.type
_entity.pdbx_description
1 polymer L-asparaginase
2 polymer L-asparaginase
3 polymer L-asparaginase
4 polymer L-asparaginase
5 non-polymer 'ASPARTIC ACID'
6 water water
#
loop_
_entity_poly.entity_id
_entity_poly.type
_entity_poly.pdbx_seq_one_letter_code
_entity_poly.pdbx_strand_id
1 'polypeptide(L)'
;KPQVTILATGGTIAGSAGAVTVDKLLAAVPAINDLATIKGEQISSIGSQEMTGKVWLKLAKRVNELLAQKETEAVIITHG
TDTMEETAFFLNLTVKSQKPVVLVGAMRPGSSMSADGPMNLYNAVNVAINKASTNKGVVIVMNDEIHAAREATKLNTTAV
NAFASPNTGKIGTVYYGKVEYFTQSVRPHTLASEFDISKIEELPRVDILYAHPDDTDVLVNAALQAGAKGIIHAGMGNGN
PFPLTQNALEKAAKSGVVVARSSRVGSGSTTQEAEVDDKKLGFVATESLNPQKARVLLMLALTKTSDREAIQKIFSTY
;
A
2 'polypeptide(L)'
;KPQVTILATGGTIAGVTVDKLLAAVPAINDLATIKGEQISSIGSQEMTGKVWLKLAKRVNELLAQKETEAVIITHGTDTM
EETAFFLNLTVKSQKPVVLVGAMRPGSSMSADGPMNLYNAVNVAINKASTNKGVVIVMNDEIHAAREATKLNTTAVNAFA
SPNTGKIGTVYYGKVEYFTQSVRPHTLASEFDISKIEELPRVDILYAHPDDTDVLVNAALQAGAKGIIHAGMGNGNPFPL
TQNALEKAAKSGVVVARSSRVGSGSTTQEAEVDDKKLGFVATESLNPQKARVLLMLALTKTSDREAIQKIFSTY
;
B
3 'polypeptide(L)'
;KPQVTILATGGTIAGAVTVDKLLAAVPAINDLATIKGEQISSIGSQEMTGKVWLKLAKRVNELLAQKETEAVIITHGTDT
MEETAFFLNLTVKSQKPVVLVGAMRPGSSMSADGPMNLYNAVNVAINKASTNKGVVIVMNDEIHAAREATKLNTTAVNAF
ASPNTGKIGTVYYGKVEYFTQSVRPHTLASEFDISKIEELPRVDILYAHPDDTDVLVNAALQAGAKGIIHAGMGNGNPFP
LTQNALEKAAKSGVVVARSSRVGSGSTTQEAEVDDKKLGFVATESLNPQKARVLLMLALTKTSDREAIQKIFSTY
;
C
4 'polypeptide(L)'
;KPQVTILATGGTIAGSGAVTVDKLLAAVPAINDLATIKGEQISSIGSQEMTGKVWLKLAKRVNELLAQKETEAVIITHGT
DTMEETAFFLNLTVKSQKPVVLVGAMRPGSSMSADGPMNLYNAVNVAINKASTNKGVVIVMNDEIHAAREATKLNTTAVN
AFASPNTGKIGTVYYGKVEYFTQSVRPHTLASEFDISKIEELPRVDILYAHPDDTDVLVNAALQAGAKGIIHAGMGNGNP
FPLTQNALEKAAKSGVVVARSSRVGSGSTTQEAEVDDKKLGFVATESLNPQKARVLLMLALTKTSDREAIQKIFSTY
;
D
#
# COMPACT_ATOMS: atom_id res chain seq x y z
N LYS A 1 -38.27 -8.93 9.42
CA LYS A 1 -37.32 -7.95 8.74
C LYS A 1 -36.59 -7.15 9.81
N PRO A 2 -35.25 -7.05 9.76
CA PRO A 2 -34.51 -6.32 10.79
C PRO A 2 -34.86 -4.83 10.74
N GLN A 3 -34.84 -4.18 11.89
CA GLN A 3 -35.17 -2.74 12.02
C GLN A 3 -33.85 -2.02 12.28
N VAL A 4 -33.56 -1.02 11.46
CA VAL A 4 -32.29 -0.26 11.57
C VAL A 4 -32.62 1.22 11.61
N THR A 5 -31.97 1.97 12.51
CA THR A 5 -32.14 3.43 12.49
C THR A 5 -30.93 4.04 11.79
N ILE A 6 -31.18 4.91 10.82
CA ILE A 6 -30.11 5.75 10.22
C ILE A 6 -30.12 7.12 10.91
N LEU A 7 -29.04 7.45 11.59
CA LEU A 7 -28.81 8.78 12.20
C LEU A 7 -28.00 9.62 11.22
N ALA A 8 -28.55 10.74 10.74
CA ALA A 8 -27.83 11.61 9.80
C ALA A 8 -27.18 12.70 10.63
N THR A 9 -25.92 13.01 10.35
CA THR A 9 -25.13 14.06 11.01
C THR A 9 -24.93 15.25 10.07
N GLY A 10 -25.35 15.13 8.84
CA GLY A 10 -25.29 16.20 7.84
C GLY A 10 -26.32 15.98 6.76
N GLY A 11 -25.92 16.32 5.54
CA GLY A 11 -26.79 16.16 4.37
C GLY A 11 -26.82 14.75 3.86
N THR A 12 -27.41 14.60 2.72
CA THR A 12 -27.63 13.33 1.99
C THR A 12 -26.26 12.89 1.46
N ILE A 13 -25.89 11.61 1.57
CA ILE A 13 -24.59 11.17 0.98
C ILE A 13 -24.88 10.46 -0.33
N ALA A 14 -26.13 10.30 -0.70
CA ALA A 14 -26.52 9.64 -1.95
C ALA A 14 -27.70 10.40 -2.56
N GLY A 15 -27.78 10.45 -3.89
CA GLY A 15 -28.86 11.15 -4.62
C GLY A 15 -28.49 12.58 -4.99
N SER A 16 -41.39 9.40 5.84
CA SER A 16 -41.98 8.30 6.62
C SER A 16 -40.92 7.63 7.51
N ALA A 17 -39.62 7.68 7.16
CA ALA A 17 -38.56 7.06 7.99
C ALA A 17 -38.43 7.77 9.33
N GLY A 18 -38.69 9.07 9.37
CA GLY A 18 -38.50 9.88 10.57
C GLY A 18 -37.49 10.99 10.41
N ALA A 19 -36.83 11.13 9.25
CA ALA A 19 -35.98 12.30 8.95
C ALA A 19 -35.99 12.55 7.45
N VAL A 20 -36.09 13.82 7.08
CA VAL A 20 -36.05 14.23 5.66
C VAL A 20 -34.82 13.61 4.96
N THR A 21 -33.65 13.76 5.53
CA THR A 21 -32.42 13.25 4.88
C THR A 21 -32.58 11.77 4.59
N VAL A 22 -33.08 11.03 5.55
CA VAL A 22 -33.14 9.56 5.40
C VAL A 22 -34.23 9.20 4.37
N ASP A 23 -35.35 9.91 4.35
CA ASP A 23 -36.34 9.63 3.27
C ASP A 23 -35.67 9.90 1.91
N LYS A 24 -34.82 10.92 1.80
CA LYS A 24 -34.13 11.23 0.52
C LYS A 24 -33.17 10.07 0.16
N LEU A 25 -32.47 9.52 1.16
CA LEU A 25 -31.59 8.35 0.90
C LEU A 25 -32.44 7.18 0.43
N LEU A 26 -33.58 6.91 1.06
CA LEU A 26 -34.44 5.76 0.67
C LEU A 26 -34.94 5.96 -0.76
N ALA A 27 -35.17 7.20 -1.19
CA ALA A 27 -35.55 7.47 -2.59
C ALA A 27 -34.37 7.18 -3.54
N ALA A 28 -33.17 7.58 -3.16
CA ALA A 28 -31.93 7.50 -3.99
C ALA A 28 -31.45 6.03 -4.13
N VAL A 29 -31.70 5.18 -3.12
CA VAL A 29 -31.20 3.77 -3.06
C VAL A 29 -32.35 2.88 -2.61
N PRO A 30 -33.39 2.75 -3.44
CA PRO A 30 -34.60 2.04 -3.03
C PRO A 30 -34.39 0.56 -2.66
N ALA A 31 -33.32 -0.08 -3.16
CA ALA A 31 -32.97 -1.49 -2.83
C ALA A 31 -32.85 -1.65 -1.30
N ILE A 32 -32.50 -0.60 -0.55
CA ILE A 32 -32.28 -0.79 0.92
C ILE A 32 -33.63 -1.08 1.57
N ASN A 33 -34.75 -0.60 1.00
CA ASN A 33 -36.09 -0.78 1.64
C ASN A 33 -36.42 -2.26 1.83
N ASP A 34 -36.00 -3.13 0.90
CA ASP A 34 -36.26 -4.59 0.96
C ASP A 34 -35.37 -5.27 2.02
N LEU A 35 -34.27 -4.64 2.44
CA LEU A 35 -33.29 -5.27 3.37
C LEU A 35 -33.73 -5.06 4.81
N ALA A 36 -34.38 -3.95 5.11
CA ALA A 36 -34.62 -3.57 6.49
C ALA A 36 -35.80 -2.61 6.55
N THR A 37 -36.48 -2.61 7.69
CA THR A 37 -37.35 -1.52 8.15
C THR A 37 -36.45 -0.37 8.61
N ILE A 38 -36.42 0.72 7.84
CA ILE A 38 -35.48 1.84 8.06
C ILE A 38 -36.22 2.98 8.78
N LYS A 39 -35.68 3.37 9.91
CA LYS A 39 -36.08 4.60 10.64
C LYS A 39 -34.94 5.60 10.49
N GLY A 40 -35.27 6.88 10.66
CA GLY A 40 -34.32 7.98 10.39
C GLY A 40 -34.44 9.03 11.45
N GLU A 41 -33.31 9.60 11.86
CA GLU A 41 -33.29 10.75 12.81
C GLU A 41 -32.22 11.71 12.35
N GLN A 42 -32.46 13.01 12.50
CA GLN A 42 -31.45 14.03 12.19
C GLN A 42 -30.83 14.43 13.51
N ILE A 43 -29.58 14.04 13.71
CA ILE A 43 -28.86 14.31 14.97
C ILE A 43 -28.21 15.69 14.90
N SER A 44 -27.66 16.03 13.73
CA SER A 44 -26.93 17.29 13.50
C SER A 44 -26.98 17.56 12.01
N SER A 45 -26.64 18.77 11.57
CA SER A 45 -26.69 19.15 10.15
C SER A 45 -25.43 19.93 9.82
N ILE A 46 -24.30 19.22 9.84
CA ILE A 46 -22.97 19.86 9.70
C ILE A 46 -22.06 19.06 8.79
N GLY A 47 -21.05 19.69 8.19
CA GLY A 47 -19.85 19.00 7.68
C GLY A 47 -19.08 18.42 8.85
N SER A 48 -18.36 17.31 8.64
CA SER A 48 -17.72 16.65 9.78
C SER A 48 -16.55 17.50 10.25
N GLN A 49 -16.08 18.44 9.43
CA GLN A 49 -14.99 19.32 9.90
C GLN A 49 -15.52 20.32 10.94
N GLU A 50 -16.84 20.36 11.17
CA GLU A 50 -17.48 21.21 12.20
C GLU A 50 -17.91 20.39 13.42
N MET A 51 -17.60 19.10 13.47
CA MET A 51 -17.93 18.24 14.62
C MET A 51 -17.37 18.83 15.92
N THR A 52 -18.07 18.54 17.01
CA THR A 52 -17.68 18.97 18.36
C THR A 52 -18.00 17.85 19.35
N GLY A 53 -17.39 17.95 20.53
CA GLY A 53 -17.69 17.04 21.64
C GLY A 53 -19.17 17.01 21.95
N LYS A 54 -19.85 18.15 21.90
CA LYS A 54 -21.28 18.19 22.25
C LYS A 54 -22.04 17.27 21.31
N VAL A 55 -21.73 17.28 20.01
CA VAL A 55 -22.42 16.39 19.03
C VAL A 55 -22.06 14.92 19.31
N TRP A 56 -20.79 14.63 19.60
CA TRP A 56 -20.35 13.26 19.92
C TRP A 56 -21.17 12.72 21.08
N LEU A 57 -21.32 13.53 22.12
CA LEU A 57 -22.03 13.05 23.32
C LEU A 57 -23.48 12.82 22.97
N LYS A 58 -24.10 13.75 22.23
CA LYS A 58 -25.52 13.60 21.86
C LYS A 58 -25.68 12.34 21.03
N LEU A 59 -24.74 12.12 20.11
CA LEU A 59 -24.79 10.93 19.23
C LEU A 59 -24.64 9.63 20.04
N ALA A 60 -23.70 9.57 20.97
CA ALA A 60 -23.34 8.33 21.70
C ALA A 60 -24.53 7.94 22.59
N LYS A 61 -25.09 8.94 23.25
CA LYS A 61 -26.23 8.68 24.16
C LYS A 61 -27.41 8.21 23.35
N ARG A 62 -27.64 8.81 22.18
CA ARG A 62 -28.79 8.39 21.34
C ARG A 62 -28.56 6.97 20.80
N VAL A 63 -27.35 6.65 20.34
CA VAL A 63 -27.03 5.27 19.88
C VAL A 63 -27.31 4.30 21.05
N ASN A 64 -26.83 4.62 22.23
CA ASN A 64 -27.06 3.76 23.41
C ASN A 64 -28.55 3.53 23.66
N GLU A 65 -29.37 4.58 23.62
CA GLU A 65 -30.84 4.45 23.82
C GLU A 65 -31.41 3.56 22.73
N LEU A 66 -31.02 3.77 21.46
CA LEU A 66 -31.63 2.99 20.36
C LEU A 66 -31.27 1.50 20.46
N LEU A 67 -30.01 1.19 20.80
CA LEU A 67 -29.55 -0.22 20.80
C LEU A 67 -30.09 -0.93 22.04
N ALA A 68 -30.54 -0.18 23.04
CA ALA A 68 -31.12 -0.79 24.25
C ALA A 68 -32.56 -1.27 23.91
N GLN A 69 -33.14 -0.74 22.84
CA GLN A 69 -34.51 -1.10 22.38
C GLN A 69 -34.54 -2.53 21.85
N LYS A 70 -35.47 -3.35 22.33
CA LYS A 70 -35.66 -4.71 21.77
C LYS A 70 -35.96 -4.66 20.28
N GLU A 71 -36.59 -3.59 19.78
CA GLU A 71 -37.08 -3.57 18.37
C GLU A 71 -35.93 -3.20 17.43
N THR A 72 -34.79 -2.74 17.94
CA THR A 72 -33.75 -2.15 17.07
C THR A 72 -32.60 -3.16 16.90
N GLU A 73 -32.27 -3.53 15.69
CA GLU A 73 -31.17 -4.49 15.43
C GLU A 73 -29.83 -3.75 15.33
N ALA A 74 -29.81 -2.55 14.78
CA ALA A 74 -28.53 -1.89 14.41
C ALA A 74 -28.75 -0.40 14.18
N VAL A 75 -27.66 0.35 14.25
CA VAL A 75 -27.64 1.77 13.83
C VAL A 75 -26.66 1.95 12.69
N ILE A 76 -27.00 2.79 11.74
CA ILE A 76 -26.10 3.37 10.74
C ILE A 76 -26.05 4.85 10.95
N ILE A 77 -24.86 5.43 10.89
CA ILE A 77 -24.66 6.89 11.01
C ILE A 77 -24.06 7.38 9.69
N THR A 78 -24.76 8.27 9.00
CA THR A 78 -24.19 8.95 7.80
C THR A 78 -23.41 10.15 8.29
N HIS A 79 -22.20 10.31 7.76
CA HIS A 79 -21.21 11.19 8.40
C HIS A 79 -20.26 11.72 7.33
N GLY A 80 -19.80 12.94 7.49
CA GLY A 80 -18.73 13.49 6.64
C GLY A 80 -17.48 12.65 6.79
N THR A 81 -16.72 12.50 5.73
CA THR A 81 -15.54 11.62 5.73
C THR A 81 -14.39 12.23 6.54
N ASP A 82 -14.30 13.55 6.67
CA ASP A 82 -13.07 14.16 7.24
C ASP A 82 -12.74 13.65 8.66
N THR A 83 -13.75 13.52 9.53
CA THR A 83 -13.56 13.19 10.96
C THR A 83 -14.41 11.99 11.34
N MET A 84 -14.87 11.24 10.33
CA MET A 84 -15.58 9.96 10.60
C MET A 84 -14.70 9.09 11.53
N GLU A 85 -13.41 9.07 11.32
CA GLU A 85 -12.55 8.13 12.13
C GLU A 85 -12.63 8.53 13.62
N GLU A 86 -12.77 9.83 13.92
CA GLU A 86 -12.81 10.29 15.34
C GLU A 86 -14.15 9.91 15.96
N THR A 87 -15.26 10.20 15.27
CA THR A 87 -16.58 9.83 15.77
C THR A 87 -16.66 8.31 15.96
N ALA A 88 -16.27 7.53 14.96
CA ALA A 88 -16.32 6.06 15.05
C ALA A 88 -15.51 5.56 16.23
N PHE A 89 -14.30 6.10 16.46
CA PHE A 89 -13.46 5.67 17.59
C PHE A 89 -14.13 6.04 18.90
N PHE A 90 -14.70 7.25 19.02
CA PHE A 90 -15.42 7.69 20.23
C PHE A 90 -16.56 6.72 20.51
N LEU A 91 -17.35 6.39 19.51
CA LEU A 91 -18.51 5.48 19.71
C LEU A 91 -18.01 4.08 20.07
N ASN A 92 -16.89 3.67 19.50
CA ASN A 92 -16.30 2.35 19.76
C ASN A 92 -15.97 2.19 21.22
N LEU A 93 -15.75 3.27 21.96
CA LEU A 93 -15.43 3.15 23.37
C LEU A 93 -16.58 3.57 24.28
N THR A 94 -17.72 4.01 23.75
CA THR A 94 -18.81 4.58 24.57
C THR A 94 -20.12 3.86 24.31
N VAL A 95 -20.25 3.07 23.25
CA VAL A 95 -21.52 2.36 22.93
C VAL A 95 -21.54 1.05 23.74
N LYS A 96 -22.53 0.90 24.62
CA LYS A 96 -22.63 -0.25 25.55
C LYS A 96 -23.56 -1.32 24.97
N SER A 97 -23.16 -1.89 23.84
CA SER A 97 -23.95 -2.87 23.10
C SER A 97 -23.02 -3.63 22.19
N GLN A 98 -23.45 -4.83 21.83
CA GLN A 98 -22.76 -5.60 20.79
C GLN A 98 -23.50 -5.49 19.43
N LYS A 99 -24.63 -4.78 19.37
CA LYS A 99 -25.39 -4.66 18.13
C LYS A 99 -24.56 -3.80 17.16
N PRO A 100 -24.62 -4.06 15.84
CA PRO A 100 -23.83 -3.29 14.89
C PRO A 100 -24.14 -1.80 14.88
N VAL A 101 -23.05 -1.05 14.82
CA VAL A 101 -23.02 0.41 14.58
C VAL A 101 -22.08 0.63 13.39
N VAL A 102 -22.62 1.21 12.33
CA VAL A 102 -21.88 1.37 11.05
C VAL A 102 -21.84 2.84 10.74
N LEU A 103 -20.65 3.36 10.49
CA LEU A 103 -20.53 4.74 9.95
C LEU A 103 -20.24 4.66 8.47
N VAL A 104 -20.88 5.54 7.72
CA VAL A 104 -20.71 5.56 6.25
C VAL A 104 -20.77 6.99 5.77
N GLY A 105 -20.08 7.25 4.68
CA GLY A 105 -20.12 8.58 4.05
C GLY A 105 -19.75 8.45 2.61
N ALA A 106 -19.42 9.54 1.97
CA ALA A 106 -19.11 9.56 0.53
C ALA A 106 -18.03 10.56 0.28
N MET A 107 -17.04 10.16 -0.50
CA MET A 107 -15.89 11.01 -0.86
C MET A 107 -16.29 11.95 -2.01
N ARG A 108 -17.38 11.64 -2.70
CA ARG A 108 -17.89 12.48 -3.80
C ARG A 108 -19.31 12.89 -3.44
N PRO A 109 -19.73 14.12 -3.77
CA PRO A 109 -21.10 14.52 -3.53
C PRO A 109 -22.11 13.67 -4.33
N GLY A 110 -23.33 13.51 -3.83
CA GLY A 110 -24.33 12.62 -4.45
C GLY A 110 -24.66 13.04 -5.88
N SER A 111 -24.46 14.34 -6.18
CA SER A 111 -24.70 14.98 -7.50
C SER A 111 -23.52 14.75 -8.46
N SER A 112 -22.41 14.22 -7.98
CA SER A 112 -21.18 14.00 -8.79
C SER A 112 -21.44 12.90 -9.82
N MET A 113 -20.71 12.96 -10.92
CA MET A 113 -20.46 11.78 -11.78
C MET A 113 -19.94 10.66 -10.85
N SER A 114 -20.44 9.45 -10.98
CA SER A 114 -19.84 8.24 -10.33
C SER A 114 -19.79 8.48 -8.82
N ALA A 115 -20.89 8.99 -8.27
CA ALA A 115 -21.01 9.24 -6.81
C ALA A 115 -20.82 7.91 -6.06
N ASP A 116 -20.06 7.91 -4.98
CA ASP A 116 -19.79 6.67 -4.22
C ASP A 116 -20.84 6.44 -3.12
N GLY A 117 -21.64 7.43 -2.76
CA GLY A 117 -22.64 7.34 -1.69
C GLY A 117 -23.63 6.17 -1.86
N PRO A 118 -24.31 6.04 -3.03
CA PRO A 118 -25.35 5.03 -3.19
C PRO A 118 -24.83 3.63 -2.80
N MET A 119 -23.72 3.22 -3.41
CA MET A 119 -23.17 1.87 -3.15
C MET A 119 -22.68 1.81 -1.68
N ASN A 120 -22.02 2.86 -1.20
CA ASN A 120 -21.53 2.84 0.20
C ASN A 120 -22.70 2.63 1.16
N LEU A 121 -23.81 3.35 0.98
CA LEU A 121 -25.00 3.20 1.87
C LEU A 121 -25.62 1.84 1.69
N TYR A 122 -25.74 1.32 0.48
CA TYR A 122 -26.32 -0.03 0.28
C TYR A 122 -25.48 -1.08 1.01
N ASN A 123 -24.17 -0.95 0.87
CA ASN A 123 -23.22 -1.87 1.56
C ASN A 123 -23.37 -1.71 3.08
N ALA A 124 -23.45 -0.49 3.58
CA ALA A 124 -23.57 -0.25 5.03
C ALA A 124 -24.81 -0.94 5.59
N VAL A 125 -25.94 -0.87 4.88
CA VAL A 125 -27.17 -1.54 5.39
C VAL A 125 -26.93 -3.04 5.46
N ASN A 126 -26.32 -3.62 4.44
CA ASN A 126 -26.01 -5.05 4.42
C ASN A 126 -25.10 -5.41 5.59
N VAL A 127 -24.11 -4.59 5.90
CA VAL A 127 -23.19 -4.90 7.02
C VAL A 127 -24.01 -4.79 8.32
N ALA A 128 -24.83 -3.75 8.48
CA ALA A 128 -25.57 -3.53 9.73
C ALA A 128 -26.53 -4.68 10.05
N ILE A 129 -27.05 -5.39 9.04
CA ILE A 129 -28.08 -6.44 9.31
C ILE A 129 -27.39 -7.80 9.38
N ASN A 130 -26.09 -7.88 9.07
CA ASN A 130 -25.40 -9.18 8.96
C ASN A 130 -25.17 -9.76 10.38
N LYS A 131 -25.51 -11.04 10.56
CA LYS A 131 -25.36 -11.72 11.87
C LYS A 131 -23.91 -11.64 12.34
N ALA A 132 -22.93 -11.71 11.39
CA ALA A 132 -21.50 -11.74 11.76
C ALA A 132 -21.04 -10.37 12.27
N SER A 133 -21.82 -9.30 12.07
CA SER A 133 -21.38 -7.95 12.49
C SER A 133 -21.54 -7.78 14.00
N THR A 134 -22.32 -8.65 14.64
CA THR A 134 -22.50 -8.56 16.11
C THR A 134 -21.13 -8.67 16.80
N ASN A 135 -20.87 -7.79 17.75
CA ASN A 135 -19.63 -7.76 18.56
C ASN A 135 -18.37 -7.57 17.74
N LYS A 136 -18.42 -6.95 16.56
CA LYS A 136 -17.19 -6.53 15.86
C LYS A 136 -16.69 -5.17 16.31
N GLY A 137 -17.42 -4.48 17.18
CA GLY A 137 -17.13 -3.07 17.44
C GLY A 137 -17.78 -2.15 16.40
N VAL A 138 -17.62 -0.88 16.62
CA VAL A 138 -18.09 0.14 15.64
C VAL A 138 -17.21 -0.02 14.40
N VAL A 139 -17.83 0.03 13.24
CA VAL A 139 -17.10 -0.13 11.97
C VAL A 139 -17.38 1.03 11.03
N ILE A 140 -16.39 1.31 10.20
CA ILE A 140 -16.56 2.22 9.05
C ILE A 140 -16.66 1.36 7.80
N VAL A 141 -17.73 1.54 7.04
CA VAL A 141 -17.94 0.81 5.77
C VAL A 141 -17.78 1.78 4.59
N MET A 142 -16.76 1.61 3.80
CA MET A 142 -16.42 2.52 2.69
C MET A 142 -15.76 1.71 1.58
N ASN A 143 -16.12 1.97 0.32
CA ASN A 143 -15.38 1.39 -0.85
C ASN A 143 -15.26 -0.15 -0.71
N ASP A 144 -16.36 -0.79 -0.27
CA ASP A 144 -16.51 -2.26 -0.29
C ASP A 144 -15.71 -2.86 0.83
N GLU A 145 -15.26 -2.06 1.80
CA GLU A 145 -14.40 -2.52 2.90
C GLU A 145 -15.06 -2.24 4.27
N ILE A 146 -14.84 -3.15 5.21
CA ILE A 146 -15.26 -3.00 6.61
C ILE A 146 -14.01 -2.76 7.44
N HIS A 147 -13.95 -1.61 8.07
CA HIS A 147 -12.80 -1.16 8.90
C HIS A 147 -13.21 -1.09 10.35
N ALA A 148 -12.41 -1.71 11.21
CA ALA A 148 -12.58 -1.60 12.66
C ALA A 148 -12.33 -0.16 13.08
N ALA A 149 -13.20 0.43 13.90
CA ALA A 149 -13.06 1.85 14.27
C ALA A 149 -11.69 2.11 14.89
N ARG A 150 -11.12 1.17 15.63
CA ARG A 150 -9.86 1.47 16.30
C ARG A 150 -8.80 1.78 15.24
N GLU A 151 -8.87 1.04 14.12
CA GLU A 151 -7.80 0.97 13.12
C GLU A 151 -7.98 1.92 11.94
N ALA A 152 -9.22 2.36 11.71
CA ALA A 152 -9.59 3.12 10.49
C ALA A 152 -9.03 4.54 10.50
N THR A 153 -8.68 5.02 9.32
CA THR A 153 -8.29 6.44 9.17
C THR A 153 -8.57 6.86 7.75
N LYS A 154 -8.84 8.16 7.53
CA LYS A 154 -8.85 8.71 6.17
C LYS A 154 -7.41 9.08 5.82
N LEU A 155 -6.82 8.43 4.79
CA LEU A 155 -5.38 8.49 4.47
C LEU A 155 -5.11 9.33 3.19
N ASN A 156 -6.16 9.75 2.49
CA ASN A 156 -6.03 10.48 1.21
C ASN A 156 -7.05 11.61 1.19
N THR A 157 -6.71 12.74 0.58
CA THR A 157 -7.57 13.94 0.56
C THR A 157 -8.84 13.72 -0.29
N THR A 158 -8.77 12.95 -1.36
CA THR A 158 -9.82 13.00 -2.42
C THR A 158 -10.30 11.64 -2.90
N ALA A 159 -9.53 10.58 -2.78
CA ALA A 159 -9.82 9.30 -3.43
C ALA A 159 -11.05 8.61 -2.83
N VAL A 160 -11.83 7.92 -3.67
CA VAL A 160 -12.97 7.13 -3.13
C VAL A 160 -12.43 6.04 -2.20
N ASN A 161 -11.16 5.65 -2.36
CA ASN A 161 -10.53 4.57 -1.54
C ASN A 161 -9.68 5.21 -0.40
N ALA A 162 -10.04 6.40 0.04
CA ALA A 162 -9.22 7.16 1.01
C ALA A 162 -9.13 6.44 2.35
N PHE A 163 -10.13 5.66 2.72
CA PHE A 163 -10.12 4.96 4.03
C PHE A 163 -9.22 3.72 3.99
N ALA A 164 -8.50 3.54 5.10
CA ALA A 164 -7.56 2.44 5.28
C ALA A 164 -7.47 2.11 6.75
N SER A 165 -6.84 0.98 7.07
CA SER A 165 -6.45 0.56 8.42
C SER A 165 -4.96 0.29 8.36
N PRO A 166 -4.12 1.33 8.41
CA PRO A 166 -2.74 1.15 8.00
C PRO A 166 -1.93 0.22 8.89
N ASN A 167 -2.35 0.03 10.14
CA ASN A 167 -1.62 -0.86 11.07
C ASN A 167 -2.11 -2.30 11.02
N THR A 168 -3.32 -2.52 10.48
CA THR A 168 -3.89 -3.84 10.33
C THR A 168 -4.24 -3.85 8.84
N GLY A 169 -5.50 -3.78 8.62
CA GLY A 169 -6.17 -3.81 7.33
C GLY A 169 -7.62 -3.94 7.65
N LYS A 170 -8.45 -3.97 6.62
CA LYS A 170 -9.91 -4.14 6.75
C LYS A 170 -10.17 -5.47 7.47
N ILE A 171 -11.17 -5.50 8.33
CA ILE A 171 -11.60 -6.73 9.02
C ILE A 171 -12.52 -7.53 8.10
N GLY A 172 -13.03 -6.94 7.04
CA GLY A 172 -13.96 -7.67 6.18
C GLY A 172 -14.28 -6.90 4.93
N THR A 173 -15.11 -7.51 4.08
CA THR A 173 -15.48 -7.00 2.77
C THR A 173 -16.99 -7.00 2.63
N VAL A 174 -17.46 -6.11 1.78
CA VAL A 174 -18.88 -6.10 1.41
C VAL A 174 -18.93 -5.67 -0.05
N TYR A 175 -19.31 -6.61 -0.90
CA TYR A 175 -19.25 -6.44 -2.36
C TYR A 175 -20.66 -6.66 -2.89
N TYR A 176 -21.30 -5.60 -3.38
CA TYR A 176 -22.70 -5.68 -3.83
C TYR A 176 -23.51 -6.32 -2.71
N GLY A 177 -23.25 -5.91 -1.47
CA GLY A 177 -24.06 -6.29 -0.30
C GLY A 177 -23.67 -7.62 0.31
N LYS A 178 -22.76 -8.37 -0.32
CA LYS A 178 -22.29 -9.68 0.22
C LYS A 178 -21.23 -9.41 1.29
N VAL A 179 -21.53 -9.77 2.53
CA VAL A 179 -20.67 -9.41 3.70
C VAL A 179 -19.81 -10.61 4.10
N GLU A 180 -18.51 -10.41 4.27
CA GLU A 180 -17.66 -11.49 4.79
C GLU A 180 -16.61 -10.90 5.72
N TYR A 181 -16.49 -11.46 6.92
CA TYR A 181 -15.39 -11.07 7.83
C TYR A 181 -14.22 -12.04 7.70
N PHE A 182 -13.03 -11.49 7.76
CA PHE A 182 -11.80 -12.34 7.79
C PHE A 182 -11.06 -12.17 9.11
N THR A 183 -11.17 -11.04 9.79
CA THR A 183 -10.52 -10.85 11.09
C THR A 183 -11.46 -10.12 12.05
N GLN A 184 -11.07 -10.01 13.29
CA GLN A 184 -11.74 -9.18 14.33
C GLN A 184 -10.65 -8.56 15.20
N SER A 185 -10.91 -7.35 15.73
CA SER A 185 -10.03 -6.69 16.71
C SER A 185 -9.91 -7.58 17.95
N VAL A 186 -8.73 -7.64 18.56
CA VAL A 186 -8.57 -8.26 19.90
C VAL A 186 -8.33 -7.18 20.94
N ARG A 187 -8.61 -5.93 20.60
CA ARG A 187 -8.54 -4.83 21.57
C ARG A 187 -9.96 -4.58 22.06
N PRO A 188 -10.19 -4.38 23.37
CA PRO A 188 -11.56 -4.27 23.87
C PRO A 188 -12.27 -3.04 23.30
N HIS A 189 -13.57 -3.22 23.07
CA HIS A 189 -14.45 -2.17 22.54
C HIS A 189 -15.87 -2.34 23.09
N THR A 190 -16.68 -1.31 22.87
CA THR A 190 -18.13 -1.29 23.04
C THR A 190 -18.48 -1.81 24.44
N LEU A 191 -19.24 -2.90 24.51
CA LEU A 191 -19.83 -3.41 25.77
C LEU A 191 -18.73 -3.79 26.76
N ALA A 192 -17.50 -4.04 26.28
CA ALA A 192 -16.35 -4.39 27.15
C ALA A 192 -15.62 -3.16 27.65
N SER A 193 -15.89 -1.95 27.13
CA SER A 193 -15.08 -0.74 27.45
C SER A 193 -15.40 -0.23 28.85
N GLU A 194 -14.39 0.31 29.52
CA GLU A 194 -14.57 0.85 30.91
C GLU A 194 -15.20 2.25 30.86
N PHE A 195 -15.41 2.86 29.69
CA PHE A 195 -15.79 4.28 29.57
C PHE A 195 -17.30 4.41 29.57
N ASP A 196 -17.79 5.45 30.25
CA ASP A 196 -19.24 5.68 30.34
C ASP A 196 -19.43 7.21 30.32
N ILE A 197 -20.02 7.70 29.24
CA ILE A 197 -20.25 9.14 29.01
C ILE A 197 -21.70 9.52 29.36
N SER A 198 -22.48 8.63 29.96
CA SER A 198 -23.95 8.86 30.16
C SER A 198 -24.21 10.16 30.94
N LYS A 199 -23.30 10.56 31.84
CA LYS A 199 -23.50 11.71 32.76
C LYS A 199 -22.62 12.88 32.35
N ILE A 200 -21.93 12.80 31.20
CA ILE A 200 -20.89 13.78 30.79
C ILE A 200 -21.53 14.77 29.80
N GLU A 201 -21.43 16.09 30.06
CA GLU A 201 -22.06 17.11 29.20
C GLU A 201 -20.98 17.78 28.37
N GLU A 202 -19.73 17.72 28.81
CA GLU A 202 -18.57 18.35 28.12
C GLU A 202 -17.37 17.39 28.24
N LEU A 203 -16.62 17.20 27.17
CA LEU A 203 -15.43 16.33 27.23
C LEU A 203 -14.21 17.17 27.57
N PRO A 204 -13.22 16.61 28.26
CA PRO A 204 -12.00 17.34 28.57
C PRO A 204 -11.32 17.89 27.30
N ARG A 205 -10.77 19.07 27.40
CA ARG A 205 -10.03 19.69 26.30
C ARG A 205 -8.70 18.98 26.07
N VAL A 206 -8.48 18.50 24.83
CA VAL A 206 -7.18 17.95 24.44
C VAL A 206 -6.72 18.61 23.14
N ASP A 207 -5.55 19.22 23.18
CA ASP A 207 -4.97 19.86 21.96
C ASP A 207 -4.09 18.85 21.25
N ILE A 208 -3.80 19.12 19.98
CA ILE A 208 -2.84 18.33 19.19
C ILE A 208 -1.79 19.29 18.63
N LEU A 209 -0.51 18.98 18.83
CA LEU A 209 0.63 19.77 18.31
C LEU A 209 1.33 19.00 17.19
N TYR A 210 1.79 19.73 16.19
CA TYR A 210 2.43 19.16 14.97
C TYR A 210 3.92 19.44 15.08
N ALA A 211 4.74 18.43 15.21
CA ALA A 211 6.19 18.57 15.42
C ALA A 211 6.93 18.81 14.09
N HIS A 212 8.07 19.47 14.19
CA HIS A 212 8.92 19.75 13.00
C HIS A 212 10.26 20.26 13.48
N PRO A 213 11.28 20.27 12.60
CA PRO A 213 12.56 20.92 12.94
C PRO A 213 12.35 22.36 13.40
N ASP A 214 13.28 22.90 14.19
CA ASP A 214 13.19 24.31 14.64
C ASP A 214 11.81 24.54 15.26
N ASP A 215 11.41 23.61 16.12
CA ASP A 215 10.06 23.68 16.73
C ASP A 215 10.07 24.68 17.88
N THR A 216 8.92 24.80 18.53
CA THR A 216 8.65 25.94 19.42
C THR A 216 8.09 25.44 20.74
N ASP A 217 8.12 26.28 21.77
CA ASP A 217 7.33 26.01 23.00
C ASP A 217 6.03 26.80 23.07
N VAL A 218 5.77 27.73 22.15
CA VAL A 218 4.69 28.73 22.34
C VAL A 218 3.32 28.07 22.15
N LEU A 219 3.22 26.95 21.43
CA LEU A 219 1.90 26.33 21.20
C LEU A 219 1.58 25.47 22.43
N VAL A 220 2.59 24.82 23.02
CA VAL A 220 2.39 24.09 24.30
C VAL A 220 1.85 25.14 25.29
N ASN A 221 2.53 26.28 25.34
CA ASN A 221 2.17 27.31 26.37
C ASN A 221 0.75 27.76 26.14
N ALA A 222 0.36 28.03 24.90
CA ALA A 222 -1.00 28.50 24.57
C ALA A 222 -2.05 27.42 24.91
N ALA A 223 -1.75 26.15 24.70
CA ALA A 223 -2.74 25.09 25.01
C ALA A 223 -2.97 25.04 26.54
N LEU A 224 -1.90 25.17 27.30
CA LEU A 224 -1.92 25.17 28.79
C LEU A 224 -2.76 26.35 29.25
N GLN A 225 -2.52 27.54 28.71
CA GLN A 225 -3.20 28.79 29.14
C GLN A 225 -4.68 28.65 28.79
N ALA A 226 -4.99 27.91 27.74
CA ALA A 226 -6.40 27.68 27.32
C ALA A 226 -7.08 26.53 28.08
N GLY A 227 -6.41 25.89 29.02
CA GLY A 227 -7.03 24.92 29.93
C GLY A 227 -6.97 23.52 29.35
N ALA A 228 -6.03 23.29 28.46
CA ALA A 228 -5.84 21.90 27.98
C ALA A 228 -5.70 20.96 29.18
N LYS A 229 -6.45 19.86 29.21
CA LYS A 229 -6.28 18.81 30.25
C LYS A 229 -5.32 17.73 29.74
N GLY A 230 -5.13 17.71 28.41
CA GLY A 230 -4.25 16.75 27.74
C GLY A 230 -3.69 17.40 26.49
N ILE A 231 -2.50 16.93 26.08
CA ILE A 231 -1.89 17.36 24.80
C ILE A 231 -1.43 16.10 24.10
N ILE A 232 -1.88 15.93 22.87
CA ILE A 232 -1.26 14.92 21.95
C ILE A 232 -0.14 15.62 21.19
N HIS A 233 1.06 15.08 21.26
CA HIS A 233 2.20 15.59 20.50
C HIS A 233 2.38 14.67 19.29
N ALA A 234 2.16 15.19 18.09
CA ALA A 234 2.35 14.42 16.84
C ALA A 234 3.82 14.54 16.45
N GLY A 235 4.66 13.72 17.05
CA GLY A 235 6.11 13.87 16.99
C GLY A 235 6.71 13.44 15.69
N MET A 236 8.00 13.73 15.55
CA MET A 236 8.80 13.34 14.37
C MET A 236 9.23 11.87 14.50
N GLY A 237 9.13 11.10 13.41
CA GLY A 237 9.42 9.66 13.44
C GLY A 237 8.68 8.98 14.59
N ASN A 238 9.40 8.25 15.40
CA ASN A 238 8.79 7.52 16.54
C ASN A 238 8.53 8.47 17.72
N GLY A 239 7.65 9.44 17.50
CA GLY A 239 7.12 10.32 18.53
C GLY A 239 8.19 11.21 19.13
N ASN A 240 9.19 11.64 18.37
CA ASN A 240 10.30 12.42 18.98
C ASN A 240 9.98 13.90 18.94
N PRO A 241 10.18 14.66 20.07
CA PRO A 241 10.05 16.10 20.04
C PRO A 241 11.39 16.80 19.78
N PHE A 242 11.28 18.04 19.33
CA PHE A 242 12.38 19.02 19.30
C PHE A 242 12.65 19.41 20.74
N PRO A 243 13.91 19.68 21.12
CA PRO A 243 14.24 19.94 22.53
C PRO A 243 13.44 21.06 23.25
N LEU A 244 13.30 22.23 22.63
CA LEU A 244 12.55 23.38 23.18
C LEU A 244 11.13 22.92 23.48
N THR A 245 10.53 22.22 22.52
CA THR A 245 9.17 21.70 22.70
C THR A 245 9.15 20.68 23.84
N GLN A 246 10.08 19.75 23.90
CA GLN A 246 10.11 18.72 24.98
C GLN A 246 10.15 19.40 26.36
N ASN A 247 11.01 20.40 26.51
CA ASN A 247 11.09 21.14 27.80
C ASN A 247 9.71 21.65 28.21
N ALA A 248 8.95 22.25 27.28
CA ALA A 248 7.63 22.83 27.58
C ALA A 248 6.65 21.69 27.90
N LEU A 249 6.73 20.58 27.16
CA LEU A 249 5.87 19.41 27.44
C LEU A 249 6.17 18.84 28.83
N GLU A 250 7.43 18.79 29.21
CA GLU A 250 7.84 18.35 30.57
C GLU A 250 7.19 19.28 31.60
N LYS A 251 7.22 20.59 31.40
CA LYS A 251 6.57 21.55 32.34
C LYS A 251 5.08 21.27 32.39
N ALA A 252 4.47 21.02 31.21
CA ALA A 252 3.03 20.77 31.11
C ALA A 252 2.67 19.55 31.97
N ALA A 253 3.41 18.45 31.79
CA ALA A 253 3.17 17.17 32.49
C ALA A 253 3.34 17.36 34.01
N LYS A 254 4.39 18.05 34.41
CA LYS A 254 4.65 18.35 35.85
C LYS A 254 3.46 19.11 36.43
N SER A 255 2.79 19.95 35.67
CA SER A 255 1.66 20.78 36.19
C SER A 255 0.38 19.94 36.24
N GLY A 256 0.40 18.69 35.73
CA GLY A 256 -0.79 17.82 35.74
C GLY A 256 -1.58 17.82 34.44
N VAL A 257 -1.06 18.44 33.39
CA VAL A 257 -1.65 18.27 32.03
C VAL A 257 -1.02 17.00 31.44
N VAL A 258 -1.84 16.06 30.98
CA VAL A 258 -1.34 14.76 30.50
C VAL A 258 -0.74 14.98 29.11
N VAL A 259 0.50 14.59 28.93
CA VAL A 259 1.20 14.69 27.62
C VAL A 259 1.30 13.27 27.05
N ALA A 260 0.73 13.07 25.86
CA ALA A 260 0.70 11.75 25.21
C ALA A 260 1.40 11.90 23.86
N ARG A 261 2.40 11.07 23.65
CA ARG A 261 3.25 11.11 22.43
C ARG A 261 2.60 10.23 21.35
N SER A 262 2.32 10.83 20.21
CA SER A 262 1.97 10.12 18.96
C SER A 262 2.95 10.62 17.91
N SER A 263 2.64 10.40 16.65
CA SER A 263 3.59 10.66 15.54
C SER A 263 2.84 11.35 14.42
N ARG A 264 3.53 12.20 13.66
CA ARG A 264 3.02 12.78 12.42
C ARG A 264 3.12 11.79 11.25
N VAL A 265 3.78 10.65 11.38
CA VAL A 265 4.24 9.91 10.17
C VAL A 265 3.09 9.20 9.45
N GLY A 266 2.12 8.67 10.16
CA GLY A 266 1.00 8.07 9.41
C GLY A 266 0.68 6.65 9.82
N SER A 267 1.68 5.89 10.25
CA SER A 267 1.50 4.47 10.59
C SER A 267 2.56 4.06 11.60
N GLY A 268 2.28 2.96 12.27
CA GLY A 268 3.19 2.37 13.26
C GLY A 268 2.88 2.82 14.68
N SER A 269 3.58 2.19 15.62
CA SER A 269 3.40 2.48 17.04
C SER A 269 4.35 3.59 17.47
N THR A 270 3.84 4.51 18.30
CA THR A 270 4.74 5.44 19.02
C THR A 270 5.12 4.71 20.30
N THR A 271 6.29 4.15 20.37
CA THR A 271 6.58 3.08 21.33
C THR A 271 7.13 3.63 22.64
N GLN A 272 6.97 2.85 23.72
CA GLN A 272 7.74 3.08 24.96
C GLN A 272 9.18 2.59 24.80
N GLU A 273 10.11 3.13 25.60
CA GLU A 273 11.50 2.61 25.71
C GLU A 273 12.22 2.73 24.36
N ALA A 274 11.95 3.79 23.61
CA ALA A 274 12.74 4.17 22.42
C ALA A 274 13.63 5.34 22.81
N GLU A 275 13.55 6.51 22.14
CA GLU A 275 14.54 7.59 22.41
C GLU A 275 14.04 8.47 23.58
N VAL A 276 12.74 8.45 23.87
CA VAL A 276 12.14 9.38 24.86
C VAL A 276 11.95 8.60 26.17
N ASP A 277 12.49 9.16 27.25
CA ASP A 277 12.38 8.58 28.61
C ASP A 277 11.04 9.01 29.18
N ASP A 278 9.96 8.32 28.83
CA ASP A 278 8.59 8.76 29.16
C ASP A 278 8.45 8.84 30.69
N LYS A 279 9.04 7.88 31.39
CA LYS A 279 8.83 7.80 32.86
C LYS A 279 9.50 9.01 33.52
N LYS A 280 10.71 9.38 33.09
CA LYS A 280 11.45 10.50 33.74
C LYS A 280 10.74 11.81 33.40
N LEU A 281 10.24 11.95 32.15
CA LEU A 281 9.66 13.23 31.67
C LEU A 281 8.18 13.35 32.02
N GLY A 282 7.53 12.24 32.37
CA GLY A 282 6.15 12.12 32.85
C GLY A 282 5.15 12.04 31.69
N PHE A 283 5.55 11.45 30.58
CA PHE A 283 4.70 11.31 29.38
C PHE A 283 4.09 9.92 29.27
N VAL A 284 3.04 9.86 28.46
CA VAL A 284 2.41 8.61 27.97
C VAL A 284 2.86 8.38 26.51
N ALA A 285 3.08 7.13 26.16
CA ALA A 285 3.30 6.71 24.75
C ALA A 285 1.97 6.13 24.21
N THR A 286 1.47 6.68 23.11
CA THR A 286 0.15 6.31 22.60
C THR A 286 0.15 5.00 21.82
N GLU A 287 1.32 4.47 21.49
CA GLU A 287 1.48 3.17 20.81
C GLU A 287 0.75 3.21 19.49
N SER A 288 -0.05 2.20 19.16
CA SER A 288 -0.48 1.99 17.75
C SER A 288 -1.81 2.69 17.48
N LEU A 289 -1.79 4.03 17.49
CA LEU A 289 -2.96 4.85 17.11
C LEU A 289 -2.48 5.90 16.11
N ASN A 290 -3.17 7.04 16.02
CA ASN A 290 -2.65 8.21 15.26
C ASN A 290 -3.01 9.40 16.13
N PRO A 291 -2.54 10.61 15.80
CA PRO A 291 -2.74 11.71 16.75
C PRO A 291 -4.23 11.99 17.02
N GLN A 292 -5.07 11.93 15.99
CA GLN A 292 -6.49 12.32 16.16
C GLN A 292 -7.28 11.24 16.92
N LYS A 293 -6.97 9.96 16.74
CA LYS A 293 -7.62 8.92 17.60
C LYS A 293 -7.01 8.90 18.99
N ALA A 294 -5.71 9.19 19.11
CA ALA A 294 -5.07 9.24 20.43
C ALA A 294 -5.75 10.36 21.20
N ARG A 295 -6.08 11.48 20.55
CA ARG A 295 -6.84 12.57 21.23
C ARG A 295 -8.16 12.06 21.78
N VAL A 296 -8.91 11.27 21.00
CA VAL A 296 -10.20 10.75 21.48
C VAL A 296 -9.99 9.86 22.71
N LEU A 297 -9.01 8.97 22.68
CA LEU A 297 -8.78 8.05 23.82
C LEU A 297 -8.31 8.86 25.05
N LEU A 298 -7.50 9.90 24.84
CA LEU A 298 -7.05 10.74 25.98
C LEU A 298 -8.24 11.52 26.56
N MET A 299 -9.13 12.08 25.73
CA MET A 299 -10.36 12.74 26.22
C MET A 299 -11.17 11.79 27.11
N LEU A 300 -11.35 10.55 26.69
CA LEU A 300 -12.08 9.54 27.48
C LEU A 300 -11.30 9.16 28.74
N ALA A 301 -9.99 8.95 28.63
CA ALA A 301 -9.13 8.64 29.80
C ALA A 301 -9.35 9.71 30.85
N LEU A 302 -9.33 10.98 30.40
CA LEU A 302 -9.40 12.13 31.35
C LEU A 302 -10.77 12.26 32.02
N THR A 303 -11.83 11.63 31.53
CA THR A 303 -13.14 11.57 32.24
C THR A 303 -12.99 10.68 33.47
N LYS A 304 -11.96 9.84 33.60
CA LYS A 304 -11.83 9.15 34.92
C LYS A 304 -10.50 9.32 35.61
N THR A 305 -9.44 9.77 34.96
CA THR A 305 -8.15 9.88 35.65
C THR A 305 -7.24 10.85 34.92
N SER A 306 -6.31 11.48 35.63
CA SER A 306 -5.18 12.19 35.01
C SER A 306 -3.84 11.54 35.43
N ASP A 307 -3.90 10.34 36.01
CA ASP A 307 -2.70 9.62 36.50
C ASP A 307 -1.92 9.04 35.30
N ARG A 308 -0.61 9.31 35.19
CA ARG A 308 0.19 8.92 34.00
C ARG A 308 0.18 7.40 33.85
N GLU A 309 0.42 6.65 34.94
CA GLU A 309 0.47 5.17 34.85
C GLU A 309 -0.90 4.65 34.40
N ALA A 310 -2.00 5.21 34.91
CA ALA A 310 -3.35 4.70 34.61
C ALA A 310 -3.67 4.98 33.14
N ILE A 311 -3.20 6.12 32.65
CA ILE A 311 -3.47 6.51 31.24
C ILE A 311 -2.57 5.69 30.32
N GLN A 312 -1.32 5.41 30.71
CA GLN A 312 -0.47 4.49 29.93
C GLN A 312 -1.18 3.14 29.83
N LYS A 313 -1.80 2.65 30.92
CA LYS A 313 -2.48 1.35 30.89
C LYS A 313 -3.67 1.39 29.91
N ILE A 314 -4.40 2.50 29.85
CA ILE A 314 -5.54 2.65 28.90
C ILE A 314 -4.97 2.59 27.47
N PHE A 315 -3.93 3.34 27.18
CA PHE A 315 -3.31 3.35 25.80
C PHE A 315 -2.79 1.96 25.43
N SER A 316 -2.30 1.21 26.42
CA SER A 316 -1.71 -0.12 26.20
C SER A 316 -2.77 -1.21 26.16
N THR A 317 -4.03 -0.89 26.44
CA THR A 317 -5.19 -1.80 26.44
C THR A 317 -6.10 -1.57 25.23
N TYR A 318 -6.56 -0.33 25.02
CA TYR A 318 -7.61 -0.05 24.02
C TYR A 318 -7.01 0.14 22.62
N LYS B 1 12.37 -21.75 32.04
CA LYS B 1 12.12 -21.11 30.73
C LYS B 1 11.29 -22.03 29.84
N PRO B 2 10.49 -21.48 28.92
CA PRO B 2 9.73 -22.30 27.98
C PRO B 2 10.66 -23.05 27.01
N GLN B 3 10.31 -24.30 26.72
CA GLN B 3 10.99 -25.12 25.69
C GLN B 3 10.37 -24.84 24.33
N VAL B 4 11.22 -24.49 23.39
CA VAL B 4 10.86 -24.26 21.97
C VAL B 4 11.80 -25.10 21.11
N THR B 5 11.24 -25.73 20.10
CA THR B 5 12.05 -26.44 19.08
C THR B 5 12.02 -25.63 17.79
N ILE B 6 13.19 -25.44 17.21
CA ILE B 6 13.35 -24.81 15.87
C ILE B 6 13.64 -25.93 14.87
N LEU B 7 12.73 -26.13 13.94
CA LEU B 7 12.92 -27.07 12.82
C LEU B 7 13.48 -26.28 11.65
N ALA B 8 14.69 -26.61 11.20
CA ALA B 8 15.31 -25.89 10.07
C ALA B 8 15.00 -26.65 8.78
N THR B 9 14.62 -25.95 7.71
CA THR B 9 14.27 -26.58 6.42
C THR B 9 15.15 -26.08 5.28
N GLY B 10 16.00 -25.08 5.54
CA GLY B 10 16.80 -24.38 4.51
C GLY B 10 16.37 -22.93 4.31
N GLY B 11 16.54 -22.44 3.09
CA GLY B 11 16.25 -21.05 2.72
C GLY B 11 17.43 -20.12 2.86
N THR B 12 17.28 -18.91 2.32
CA THR B 12 18.30 -17.84 2.40
C THR B 12 18.64 -17.54 3.85
N ILE B 13 17.71 -17.72 4.81
CA ILE B 13 18.04 -17.46 6.25
C ILE B 13 19.26 -18.33 6.68
N ALA B 14 19.41 -19.52 6.08
CA ALA B 14 20.55 -20.42 6.39
C ALA B 14 21.67 -20.34 5.33
N GLY B 15 21.64 -19.38 4.40
CA GLY B 15 22.70 -19.13 3.39
C GLY B 15 23.85 -18.32 3.99
N VAL B 16 24.66 -23.20 6.31
CA VAL B 16 24.89 -22.93 7.77
C VAL B 16 23.97 -23.86 8.56
N THR B 17 24.51 -24.69 9.45
CA THR B 17 23.69 -25.62 10.26
C THR B 17 23.03 -24.85 11.40
N VAL B 18 21.98 -25.45 11.95
CA VAL B 18 21.04 -24.77 12.89
C VAL B 18 21.80 -24.33 14.13
N ASP B 19 22.83 -25.06 14.56
CA ASP B 19 23.59 -24.66 15.78
C ASP B 19 24.20 -23.28 15.49
N LYS B 20 24.82 -23.08 14.32
CA LYS B 20 25.53 -21.81 14.02
C LYS B 20 24.51 -20.71 13.65
N LEU B 21 23.36 -21.10 13.08
CA LEU B 21 22.24 -20.16 12.86
C LEU B 21 21.79 -19.59 14.21
N LEU B 22 21.53 -20.49 15.18
CA LEU B 22 21.05 -20.10 16.52
C LEU B 22 22.12 -19.33 17.26
N ALA B 23 23.39 -19.64 17.02
CA ALA B 23 24.57 -19.04 17.71
C ALA B 23 24.81 -17.60 17.23
N ALA B 24 24.38 -17.22 16.02
CA ALA B 24 24.44 -15.82 15.48
C ALA B 24 23.58 -14.83 16.28
N VAL B 25 22.61 -15.34 17.04
CA VAL B 25 21.66 -14.54 17.86
C VAL B 25 21.62 -15.12 19.27
N PRO B 26 22.70 -14.95 20.08
CA PRO B 26 22.82 -15.61 21.38
C PRO B 26 21.67 -15.23 22.34
N ALA B 27 21.19 -14.00 22.20
CA ALA B 27 20.09 -13.40 22.98
C ALA B 27 18.86 -14.31 22.98
N ILE B 28 18.64 -15.15 21.96
CA ILE B 28 17.39 -15.97 21.90
C ILE B 28 17.41 -16.91 23.10
N ASN B 29 18.59 -17.21 23.66
CA ASN B 29 18.72 -18.26 24.72
C ASN B 29 18.32 -17.69 26.07
N ASP B 30 18.26 -16.37 26.22
CA ASP B 30 17.74 -15.71 27.43
C ASP B 30 16.22 -15.95 27.55
N LEU B 31 15.56 -16.25 26.43
CA LEU B 31 14.10 -16.19 26.25
C LEU B 31 13.48 -17.57 26.50
N ALA B 32 14.21 -18.62 26.14
CA ALA B 32 13.66 -19.95 25.89
C ALA B 32 14.79 -20.97 25.99
N THR B 33 14.45 -22.20 26.33
CA THR B 33 15.32 -23.37 26.16
C THR B 33 15.09 -23.87 24.73
N ILE B 34 16.07 -23.61 23.87
CA ILE B 34 15.98 -23.82 22.40
C ILE B 34 16.69 -25.11 22.02
N LYS B 35 16.02 -25.99 21.30
CA LYS B 35 16.60 -27.18 20.62
C LYS B 35 16.42 -26.94 19.12
N GLY B 36 17.43 -27.22 18.31
CA GLY B 36 17.38 -27.10 16.84
C GLY B 36 17.41 -28.47 16.21
N GLU B 37 16.69 -28.70 15.14
CA GLU B 37 16.58 -30.00 14.45
C GLU B 37 16.53 -29.70 12.95
N GLN B 38 17.42 -30.30 12.17
CA GLN B 38 17.47 -30.10 10.71
C GLN B 38 16.52 -31.10 10.05
N ILE B 39 15.37 -30.65 9.54
CA ILE B 39 14.33 -31.46 8.86
C ILE B 39 14.68 -31.62 7.38
N SER B 40 15.11 -30.54 6.74
CA SER B 40 15.54 -30.53 5.31
C SER B 40 16.56 -29.43 5.17
N SER B 41 17.26 -29.38 4.04
CA SER B 41 18.22 -28.28 3.78
C SER B 41 18.13 -27.92 2.30
N ILE B 42 17.05 -27.24 1.96
CA ILE B 42 16.69 -26.93 0.56
C ILE B 42 16.27 -25.46 0.46
N GLY B 43 16.51 -24.87 -0.70
CA GLY B 43 15.74 -23.68 -1.12
C GLY B 43 14.25 -24.00 -1.15
N SER B 44 13.40 -23.09 -0.68
CA SER B 44 11.96 -23.40 -0.58
C SER B 44 11.36 -23.56 -1.99
N GLN B 45 12.07 -23.10 -3.04
CA GLN B 45 11.62 -23.32 -4.44
C GLN B 45 11.76 -24.81 -4.77
N GLU B 46 12.38 -25.61 -3.89
CA GLU B 46 12.54 -27.09 -4.09
C GLU B 46 11.57 -27.87 -3.19
N MET B 47 10.70 -27.19 -2.46
CA MET B 47 9.79 -27.86 -1.51
C MET B 47 8.91 -28.81 -2.32
N THR B 48 8.45 -29.87 -1.66
CA THR B 48 7.52 -30.87 -2.21
C THR B 48 6.52 -31.28 -1.13
N GLY B 49 5.44 -31.92 -1.52
CA GLY B 49 4.43 -32.44 -0.60
C GLY B 49 5.05 -33.45 0.34
N LYS B 50 6.00 -34.24 -0.14
CA LYS B 50 6.72 -35.17 0.76
C LYS B 50 7.35 -34.43 1.96
N VAL B 51 8.03 -33.31 1.74
CA VAL B 51 8.66 -32.55 2.87
C VAL B 51 7.56 -31.90 3.70
N TRP B 52 6.48 -31.43 3.07
CA TRP B 52 5.37 -30.84 3.85
C TRP B 52 4.81 -31.89 4.80
N LEU B 53 4.60 -33.11 4.34
CA LEU B 53 3.98 -34.15 5.19
C LEU B 53 4.95 -34.50 6.33
N LYS B 54 6.21 -34.69 6.02
CA LYS B 54 7.28 -34.93 7.04
C LYS B 54 7.24 -33.85 8.12
N LEU B 55 7.22 -32.60 7.66
CA LEU B 55 7.26 -31.41 8.54
C LEU B 55 6.01 -31.36 9.42
N ALA B 56 4.82 -31.47 8.85
CA ALA B 56 3.54 -31.44 9.60
C ALA B 56 3.51 -32.53 10.66
N LYS B 57 3.96 -33.74 10.31
CA LYS B 57 3.86 -34.86 11.28
C LYS B 57 4.82 -34.61 12.43
N ARG B 58 5.99 -34.08 12.13
CA ARG B 58 7.00 -33.76 13.16
C ARG B 58 6.47 -32.63 14.07
N VAL B 59 5.92 -31.58 13.47
CA VAL B 59 5.37 -30.48 14.30
C VAL B 59 4.30 -31.07 15.24
N ASN B 60 3.38 -31.87 14.70
CA ASN B 60 2.31 -32.49 15.51
C ASN B 60 2.95 -33.28 16.66
N GLU B 61 3.96 -34.09 16.37
CA GLU B 61 4.62 -34.90 17.43
C GLU B 61 5.21 -34.00 18.51
N LEU B 62 5.94 -32.96 18.09
CA LEU B 62 6.55 -32.05 19.07
C LEU B 62 5.47 -31.38 19.93
N LEU B 63 4.40 -30.87 19.31
CA LEU B 63 3.42 -30.07 20.08
C LEU B 63 2.59 -30.97 20.99
N ALA B 64 2.52 -32.27 20.73
CA ALA B 64 1.77 -33.24 21.56
C ALA B 64 2.56 -33.50 22.84
N GLN B 65 3.84 -33.11 22.87
CA GLN B 65 4.69 -33.21 24.09
C GLN B 65 4.30 -32.14 25.10
N LYS B 66 4.02 -32.57 26.35
CA LYS B 66 3.60 -31.71 27.48
C LYS B 66 4.55 -30.51 27.66
N GLU B 67 5.85 -30.73 27.51
CA GLU B 67 6.89 -29.73 27.87
C GLU B 67 7.25 -28.85 26.65
N THR B 68 6.77 -29.16 25.44
CA THR B 68 7.11 -28.34 24.26
C THR B 68 6.09 -27.20 24.12
N GLU B 69 6.52 -25.96 24.23
CA GLU B 69 5.58 -24.80 24.26
C GLU B 69 5.24 -24.36 22.85
N ALA B 70 6.14 -24.59 21.88
CA ALA B 70 6.01 -23.94 20.54
C ALA B 70 7.06 -24.51 19.59
N VAL B 71 6.81 -24.34 18.30
CA VAL B 71 7.74 -24.73 17.22
C VAL B 71 7.98 -23.52 16.34
N ILE B 72 9.23 -23.28 16.02
CA ILE B 72 9.64 -22.28 15.00
C ILE B 72 10.19 -23.08 13.81
N ILE B 73 9.86 -22.65 12.61
CA ILE B 73 10.35 -23.32 11.39
C ILE B 73 11.10 -22.25 10.61
N THR B 74 12.41 -22.42 10.44
CA THR B 74 13.22 -21.57 9.55
C THR B 74 13.10 -22.13 8.14
N HIS B 75 12.86 -21.24 7.18
CA HIS B 75 12.34 -21.66 5.86
C HIS B 75 12.72 -20.61 4.81
N GLY B 76 12.86 -21.04 3.58
CA GLY B 76 12.99 -20.11 2.44
C GLY B 76 11.76 -19.21 2.36
N THR B 77 11.95 -18.00 1.85
CA THR B 77 10.84 -17.05 1.78
C THR B 77 9.96 -17.34 0.57
N ASP B 78 10.47 -17.99 -0.49
CA ASP B 78 9.73 -18.16 -1.76
C ASP B 78 8.38 -18.86 -1.58
N THR B 79 8.31 -19.95 -0.83
CA THR B 79 7.11 -20.79 -0.69
C THR B 79 6.76 -20.93 0.77
N MET B 80 7.38 -20.14 1.66
CA MET B 80 6.90 -20.03 3.08
C MET B 80 5.37 -19.92 3.19
N GLU B 81 4.74 -19.16 2.32
CA GLU B 81 3.27 -18.99 2.42
C GLU B 81 2.54 -20.31 2.20
N GLU B 82 3.04 -21.18 1.32
CA GLU B 82 2.38 -22.47 1.07
C GLU B 82 2.60 -23.39 2.26
N THR B 83 3.82 -23.44 2.79
CA THR B 83 4.14 -24.32 3.93
C THR B 83 3.31 -23.85 5.15
N ALA B 84 3.25 -22.55 5.38
CA ALA B 84 2.52 -22.04 6.55
C ALA B 84 1.04 -22.38 6.41
N PHE B 85 0.46 -22.16 5.23
CA PHE B 85 -0.99 -22.44 4.97
C PHE B 85 -1.26 -23.92 5.13
N PHE B 86 -0.38 -24.78 4.61
CA PHE B 86 -0.53 -26.24 4.80
C PHE B 86 -0.53 -26.59 6.29
N LEU B 87 0.43 -26.05 7.06
CA LEU B 87 0.50 -26.33 8.51
C LEU B 87 -0.72 -25.73 9.20
N ASN B 88 -1.20 -24.60 8.75
CA ASN B 88 -2.35 -23.94 9.40
C ASN B 88 -3.58 -24.85 9.37
N LEU B 89 -3.63 -25.81 8.44
CA LEU B 89 -4.82 -26.70 8.30
C LEU B 89 -4.49 -28.13 8.73
N THR B 90 -3.26 -28.43 9.14
CA THR B 90 -2.85 -29.82 9.47
C THR B 90 -2.26 -29.95 10.86
N VAL B 91 -1.92 -28.86 11.54
CA VAL B 91 -1.36 -28.91 12.93
C VAL B 91 -2.53 -28.92 13.91
N LYS B 92 -2.65 -29.98 14.69
CA LYS B 92 -3.80 -30.24 15.60
C LYS B 92 -3.45 -29.77 16.99
N SER B 93 -3.19 -28.48 17.13
CA SER B 93 -2.65 -27.89 18.37
C SER B 93 -3.01 -26.41 18.34
N GLN B 94 -3.21 -25.81 19.52
CA GLN B 94 -3.31 -24.34 19.63
C GLN B 94 -1.96 -23.74 20.02
N LYS B 95 -0.94 -24.56 20.23
CA LYS B 95 0.39 -24.01 20.61
C LYS B 95 0.95 -23.25 19.43
N PRO B 96 1.75 -22.21 19.65
CA PRO B 96 2.28 -21.41 18.53
C PRO B 96 3.16 -22.20 17.58
N VAL B 97 3.00 -21.91 16.28
CA VAL B 97 3.86 -22.39 15.19
C VAL B 97 4.23 -21.17 14.37
N VAL B 98 5.50 -20.86 14.34
CA VAL B 98 5.98 -19.62 13.74
C VAL B 98 6.92 -19.97 12.60
N LEU B 99 6.65 -19.46 11.40
CA LEU B 99 7.59 -19.62 10.26
C LEU B 99 8.38 -18.33 10.13
N VAL B 100 9.68 -18.45 9.85
CA VAL B 100 10.55 -17.26 9.71
C VAL B 100 11.60 -17.57 8.66
N GLY B 101 11.99 -16.54 7.95
CA GLY B 101 13.09 -16.60 6.98
C GLY B 101 13.85 -15.31 6.89
N ALA B 102 14.56 -15.14 5.77
CA ALA B 102 15.34 -13.92 5.53
C ALA B 102 15.49 -13.72 4.05
N MET B 103 15.41 -12.48 3.63
CA MET B 103 15.54 -12.16 2.20
C MET B 103 17.02 -12.00 1.84
N ARG B 104 17.87 -11.80 2.84
CA ARG B 104 19.33 -11.70 2.66
C ARG B 104 20.01 -12.79 3.44
N PRO B 105 21.08 -13.41 2.87
CA PRO B 105 21.80 -14.45 3.59
C PRO B 105 22.60 -13.90 4.76
N GLY B 106 22.94 -14.74 5.75
CA GLY B 106 23.52 -14.26 7.02
C GLY B 106 24.80 -13.50 6.81
N SER B 107 25.46 -13.71 5.65
CA SER B 107 26.79 -13.16 5.22
C SER B 107 26.62 -11.73 4.73
N SER B 108 25.40 -11.33 4.43
CA SER B 108 25.11 -10.07 3.74
C SER B 108 25.35 -8.91 4.70
N MET B 109 25.76 -7.76 4.15
CA MET B 109 25.56 -6.46 4.84
C MET B 109 24.09 -6.43 5.26
N SER B 110 23.82 -6.03 6.50
CA SER B 110 22.44 -5.75 6.93
C SER B 110 21.56 -7.00 6.78
N ALA B 111 22.10 -8.18 7.10
CA ALA B 111 21.30 -9.41 7.01
C ALA B 111 20.07 -9.32 7.92
N ASP B 112 18.90 -9.71 7.42
CA ASP B 112 17.62 -9.54 8.14
C ASP B 112 17.33 -10.74 9.02
N GLY B 113 18.01 -11.87 8.81
CA GLY B 113 17.70 -13.12 9.52
C GLY B 113 17.90 -13.03 11.02
N PRO B 114 18.97 -12.41 11.56
CA PRO B 114 19.12 -12.34 13.00
C PRO B 114 17.94 -11.70 13.76
N MET B 115 17.51 -10.51 13.36
CA MET B 115 16.34 -9.83 13.99
C MET B 115 15.08 -10.66 13.72
N ASN B 116 14.95 -11.23 12.54
CA ASN B 116 13.70 -12.00 12.25
C ASN B 116 13.63 -13.20 13.21
N LEU B 117 14.75 -13.91 13.39
CA LEU B 117 14.75 -15.11 14.25
C LEU B 117 14.50 -14.72 15.69
N TYR B 118 15.19 -13.69 16.19
CA TYR B 118 14.97 -13.16 17.55
C TYR B 118 13.47 -12.85 17.71
N ASN B 119 12.89 -12.12 16.77
CA ASN B 119 11.45 -11.77 16.89
C ASN B 119 10.62 -13.05 16.89
N ALA B 120 10.95 -14.01 16.01
CA ALA B 120 10.17 -15.26 15.92
C ALA B 120 10.11 -15.97 17.28
N VAL B 121 11.23 -16.03 17.99
CA VAL B 121 11.32 -16.70 19.32
C VAL B 121 10.40 -15.96 20.28
N ASN B 122 10.41 -14.64 20.25
CA ASN B 122 9.57 -13.83 21.15
C ASN B 122 8.09 -14.04 20.83
N VAL B 123 7.73 -14.12 19.56
CA VAL B 123 6.34 -14.46 19.18
C VAL B 123 5.99 -15.86 19.69
N ALA B 124 6.85 -16.86 19.48
CA ALA B 124 6.56 -18.26 19.82
C ALA B 124 6.25 -18.43 21.30
N ILE B 125 6.95 -17.69 22.17
CA ILE B 125 6.79 -17.88 23.64
C ILE B 125 5.67 -16.99 24.17
N ASN B 126 5.12 -16.06 23.35
CA ASN B 126 4.16 -15.08 23.89
C ASN B 126 2.81 -15.75 24.16
N LYS B 127 2.25 -15.50 25.34
CA LYS B 127 1.00 -16.18 25.74
C LYS B 127 -0.10 -15.87 24.73
N ALA B 128 -0.11 -14.65 24.19
CA ALA B 128 -1.16 -14.18 23.26
C ALA B 128 -1.09 -14.91 21.90
N SER B 129 0.01 -15.59 21.60
CA SER B 129 0.16 -16.33 20.32
C SER B 129 -0.61 -17.65 20.33
N THR B 130 -1.01 -18.15 21.51
CA THR B 130 -1.84 -19.36 21.59
C THR B 130 -3.13 -19.17 20.79
N ASN B 131 -3.45 -20.15 19.98
CA ASN B 131 -4.70 -20.23 19.19
C ASN B 131 -4.80 -19.11 18.15
N LYS B 132 -3.71 -18.50 17.73
CA LYS B 132 -3.68 -17.49 16.64
C LYS B 132 -3.59 -18.18 15.27
N GLY B 133 -3.40 -19.51 15.28
CA GLY B 133 -3.07 -20.27 14.10
C GLY B 133 -1.61 -20.14 13.76
N VAL B 134 -1.19 -20.84 12.73
CA VAL B 134 0.20 -20.70 12.21
C VAL B 134 0.44 -19.27 11.71
N VAL B 135 1.60 -18.72 12.06
CA VAL B 135 1.93 -17.32 11.70
C VAL B 135 3.26 -17.28 10.98
N ILE B 136 3.39 -16.29 10.13
CA ILE B 136 4.66 -15.88 9.53
C ILE B 136 5.10 -14.61 10.26
N VAL B 137 6.32 -14.61 10.74
CA VAL B 137 6.92 -13.46 11.47
C VAL B 137 8.10 -12.98 10.64
N MET B 138 7.96 -11.80 10.05
CA MET B 138 8.94 -11.21 9.13
C MET B 138 8.91 -9.71 9.28
N ASN B 139 10.07 -9.07 9.33
CA ASN B 139 10.13 -7.59 9.21
C ASN B 139 9.24 -6.93 10.26
N ASP B 140 9.31 -7.45 11.49
CA ASP B 140 8.67 -6.89 12.71
C ASP B 140 7.13 -7.10 12.70
N GLU B 141 6.64 -7.89 11.77
CA GLU B 141 5.20 -8.12 11.52
C GLU B 141 4.84 -9.58 11.77
N ILE B 142 3.63 -9.78 12.27
CA ILE B 142 3.04 -11.11 12.50
C ILE B 142 1.84 -11.24 11.52
N HIS B 143 1.91 -12.18 10.58
CA HIS B 143 0.88 -12.40 9.54
C HIS B 143 0.25 -13.74 9.78
N ALA B 144 -1.08 -13.80 9.75
CA ALA B 144 -1.85 -15.07 9.77
C ALA B 144 -1.50 -15.87 8.51
N ALA B 145 -1.18 -17.14 8.67
CA ALA B 145 -0.85 -18.01 7.52
C ALA B 145 -1.93 -17.95 6.46
N ARG B 146 -3.21 -17.84 6.82
CA ARG B 146 -4.24 -17.80 5.77
C ARG B 146 -3.98 -16.63 4.82
N GLU B 147 -3.46 -15.53 5.37
CA GLU B 147 -3.55 -14.21 4.69
C GLU B 147 -2.22 -13.81 4.07
N ALA B 148 -1.14 -14.45 4.48
CA ALA B 148 0.23 -14.01 4.19
C ALA B 148 0.59 -14.38 2.75
N THR B 149 1.43 -13.56 2.16
CA THR B 149 2.04 -13.86 0.86
C THR B 149 3.34 -13.09 0.72
N LYS B 150 4.24 -13.63 -0.08
CA LYS B 150 5.44 -12.90 -0.55
C LYS B 150 5.03 -12.08 -1.76
N LEU B 151 5.05 -10.75 -1.63
CA LEU B 151 4.48 -9.83 -2.66
C LEU B 151 5.57 -9.15 -3.46
N ASN B 152 6.83 -9.35 -3.11
CA ASN B 152 7.97 -8.65 -3.75
C ASN B 152 9.11 -9.65 -3.92
N THR B 153 9.88 -9.48 -4.98
CA THR B 153 10.98 -10.42 -5.31
C THR B 153 12.14 -10.34 -4.35
N THR B 154 12.48 -9.18 -3.85
CA THR B 154 13.79 -8.93 -3.21
C THR B 154 13.71 -8.23 -1.84
N ALA B 155 12.67 -7.44 -1.58
CA ALA B 155 12.60 -6.51 -0.42
C ALA B 155 12.57 -7.29 0.91
N VAL B 156 13.30 -6.81 1.93
CA VAL B 156 13.18 -7.39 3.30
C VAL B 156 11.72 -7.30 3.79
N ASN B 157 10.95 -6.35 3.24
CA ASN B 157 9.53 -6.19 3.59
C ASN B 157 8.60 -6.85 2.56
N ALA B 158 9.05 -7.91 1.90
CA ALA B 158 8.28 -8.57 0.82
C ALA B 158 6.98 -9.17 1.36
N PHE B 159 6.88 -9.58 2.61
CA PHE B 159 5.65 -10.25 3.11
C PHE B 159 4.58 -9.19 3.33
N ALA B 160 3.36 -9.58 2.94
CA ALA B 160 2.15 -8.76 3.20
C ALA B 160 0.96 -9.69 3.45
N SER B 161 -0.14 -9.11 3.94
CA SER B 161 -1.44 -9.78 3.98
C SER B 161 -2.40 -8.89 3.20
N PRO B 162 -2.44 -8.99 1.88
CA PRO B 162 -3.09 -7.93 1.12
C PRO B 162 -4.60 -7.81 1.34
N ASN B 163 -5.27 -8.86 1.85
CA ASN B 163 -6.74 -8.84 2.03
C ASN B 163 -7.14 -8.42 3.45
N THR B 164 -6.20 -8.48 4.38
CA THR B 164 -6.44 -8.10 5.75
C THR B 164 -5.28 -7.09 5.92
N GLY B 165 -4.23 -7.58 6.44
CA GLY B 165 -3.12 -6.85 7.02
C GLY B 165 -2.54 -7.78 8.03
N LYS B 166 -1.39 -7.40 8.55
CA LYS B 166 -0.79 -8.14 9.69
C LYS B 166 -1.77 -8.22 10.85
N ILE B 167 -1.69 -9.28 11.65
CA ILE B 167 -2.54 -9.46 12.86
C ILE B 167 -1.80 -8.90 14.04
N GLY B 168 -0.50 -8.68 13.93
CA GLY B 168 0.28 -8.19 15.05
C GLY B 168 1.62 -7.66 14.66
N THR B 169 2.37 -7.24 15.66
CA THR B 169 3.71 -6.67 15.54
C THR B 169 4.65 -7.27 16.57
N VAL B 170 5.90 -7.23 16.23
CA VAL B 170 6.98 -7.61 17.15
C VAL B 170 8.18 -6.73 16.85
N TYR B 171 8.57 -5.94 17.84
CA TYR B 171 9.55 -4.85 17.65
C TYR B 171 10.57 -4.98 18.77
N TYR B 172 11.79 -5.36 18.40
CA TYR B 172 12.81 -5.76 19.40
C TYR B 172 12.20 -6.70 20.44
N GLY B 173 11.46 -7.70 19.98
CA GLY B 173 10.93 -8.78 20.84
C GLY B 173 9.63 -8.43 21.55
N LYS B 174 9.14 -7.17 21.44
CA LYS B 174 7.92 -6.75 22.16
C LYS B 174 6.73 -7.14 21.26
N VAL B 175 5.88 -8.04 21.70
CA VAL B 175 4.86 -8.70 20.85
C VAL B 175 3.50 -8.06 21.18
N GLU B 176 2.76 -7.64 20.17
CA GLU B 176 1.38 -7.15 20.34
C GLU B 176 0.51 -7.67 19.21
N TYR B 177 -0.63 -8.23 19.55
CA TYR B 177 -1.67 -8.57 18.56
C TYR B 177 -2.73 -7.48 18.54
N PHE B 178 -3.22 -7.17 17.33
CA PHE B 178 -4.34 -6.23 17.17
C PHE B 178 -5.55 -6.92 16.58
N THR B 179 -5.36 -8.00 15.82
CA THR B 179 -6.52 -8.73 15.26
C THR B 179 -6.25 -10.23 15.35
N GLN B 180 -7.25 -11.01 15.01
CA GLN B 180 -7.05 -12.45 14.84
C GLN B 180 -7.97 -12.89 13.74
N SER B 181 -7.55 -13.92 13.01
CA SER B 181 -8.41 -14.54 11.97
C SER B 181 -9.71 -15.08 12.58
N VAL B 182 -10.80 -14.92 11.88
CA VAL B 182 -12.10 -15.56 12.21
C VAL B 182 -12.38 -16.75 11.33
N ARG B 183 -11.42 -17.12 10.48
CA ARG B 183 -11.51 -18.36 9.66
C ARG B 183 -10.90 -19.51 10.45
N PRO B 184 -11.55 -20.69 10.47
CA PRO B 184 -11.04 -21.83 11.24
C PRO B 184 -9.65 -22.28 10.80
N HIS B 185 -8.82 -22.66 11.80
CA HIS B 185 -7.45 -23.16 11.60
C HIS B 185 -7.09 -24.18 12.68
N THR B 186 -5.95 -24.82 12.48
CA THR B 186 -5.24 -25.67 13.45
C THR B 186 -6.25 -26.64 14.08
N LEU B 187 -6.42 -26.60 15.39
CA LEU B 187 -7.25 -27.59 16.11
C LEU B 187 -8.66 -27.69 15.50
N ALA B 188 -9.20 -26.63 14.88
CA ALA B 188 -10.57 -26.58 14.34
C ALA B 188 -10.62 -27.04 12.88
N SER B 189 -9.49 -27.35 12.25
CA SER B 189 -9.47 -27.85 10.86
C SER B 189 -10.02 -29.28 10.78
N GLU B 190 -10.73 -29.59 9.68
CA GLU B 190 -11.30 -30.95 9.46
C GLU B 190 -10.20 -31.85 8.90
N PHE B 191 -9.09 -31.28 8.44
CA PHE B 191 -8.04 -32.04 7.70
C PHE B 191 -7.15 -32.78 8.70
N ASP B 192 -6.68 -33.96 8.29
CA ASP B 192 -5.75 -34.78 9.09
C ASP B 192 -4.87 -35.54 8.10
N ILE B 193 -3.58 -35.22 8.10
CA ILE B 193 -2.61 -35.83 7.14
C ILE B 193 -1.81 -36.93 7.83
N SER B 194 -2.19 -37.36 9.04
CA SER B 194 -1.39 -38.32 9.85
C SER B 194 -1.12 -39.62 9.06
N LYS B 195 -2.06 -40.06 8.22
CA LYS B 195 -1.93 -41.36 7.49
C LYS B 195 -1.62 -41.13 6.01
N ILE B 196 -1.41 -39.88 5.58
CA ILE B 196 -1.23 -39.57 4.15
C ILE B 196 0.26 -39.56 3.81
N GLU B 197 0.64 -40.31 2.78
CA GLU B 197 2.04 -40.42 2.32
C GLU B 197 2.22 -39.59 1.04
N GLU B 198 1.14 -39.32 0.32
CA GLU B 198 1.23 -38.59 -0.95
C GLU B 198 0.01 -37.67 -1.10
N LEU B 199 0.26 -36.41 -1.46
CA LEU B 199 -0.84 -35.44 -1.64
C LEU B 199 -1.31 -35.49 -3.07
N PRO B 200 -2.61 -35.25 -3.31
CA PRO B 200 -3.15 -35.19 -4.66
C PRO B 200 -2.40 -34.15 -5.52
N ARG B 201 -2.26 -34.49 -6.79
CA ARG B 201 -1.63 -33.56 -7.76
C ARG B 201 -2.60 -32.44 -8.12
N VAL B 202 -2.16 -31.19 -7.90
CA VAL B 202 -2.94 -30.01 -8.33
C VAL B 202 -2.03 -29.09 -9.12
N ASP B 203 -2.45 -28.77 -10.34
CA ASP B 203 -1.69 -27.86 -11.24
C ASP B 203 -2.22 -26.44 -11.08
N ILE B 204 -1.36 -25.47 -11.44
CA ILE B 204 -1.75 -24.03 -11.52
C ILE B 204 -1.50 -23.54 -12.93
N LEU B 205 -2.53 -22.89 -13.51
CA LEU B 205 -2.43 -22.29 -14.85
C LEU B 205 -2.51 -20.78 -14.76
N TYR B 206 -1.70 -20.13 -15.60
CA TYR B 206 -1.55 -18.66 -15.69
C TYR B 206 -2.31 -18.15 -16.90
N ALA B 207 -3.40 -17.40 -16.64
CA ALA B 207 -4.31 -16.92 -17.69
C ALA B 207 -3.76 -15.66 -18.37
N HIS B 208 -4.06 -15.50 -19.66
CA HIS B 208 -3.71 -14.31 -20.45
C HIS B 208 -4.52 -14.26 -21.71
N PRO B 209 -4.49 -13.10 -22.41
CA PRO B 209 -5.08 -13.00 -23.75
C PRO B 209 -4.53 -14.07 -24.70
N ASP B 210 -5.39 -14.55 -25.59
CA ASP B 210 -4.97 -15.53 -26.62
C ASP B 210 -4.48 -16.80 -25.92
N ASP B 211 -5.21 -17.19 -24.88
CA ASP B 211 -4.81 -18.35 -24.06
C ASP B 211 -5.08 -19.66 -24.81
N THR B 212 -4.80 -20.75 -24.13
CA THR B 212 -4.68 -22.09 -24.77
C THR B 212 -5.49 -23.13 -24.01
N ASP B 213 -5.69 -24.32 -24.64
CA ASP B 213 -6.28 -25.48 -23.95
C ASP B 213 -5.17 -26.51 -23.63
N VAL B 214 -3.98 -26.35 -24.20
CA VAL B 214 -2.98 -27.45 -24.18
C VAL B 214 -2.45 -27.68 -22.77
N LEU B 215 -2.48 -26.68 -21.89
CA LEU B 215 -1.85 -26.87 -20.56
C LEU B 215 -2.88 -27.55 -19.64
N VAL B 216 -4.16 -27.18 -19.76
CA VAL B 216 -5.27 -27.94 -19.14
C VAL B 216 -5.12 -29.41 -19.59
N ASN B 217 -4.96 -29.61 -20.89
CA ASN B 217 -4.97 -30.99 -21.44
C ASN B 217 -3.79 -31.77 -20.85
N ALA B 218 -2.63 -31.13 -20.74
CA ALA B 218 -1.44 -31.79 -20.16
C ALA B 218 -1.64 -32.14 -18.69
N ALA B 219 -2.21 -31.24 -17.87
CA ALA B 219 -2.51 -31.56 -16.46
C ALA B 219 -3.40 -32.80 -16.35
N LEU B 220 -4.41 -32.91 -17.22
CA LEU B 220 -5.33 -34.09 -17.23
C LEU B 220 -4.54 -35.36 -17.55
N GLN B 221 -3.73 -35.29 -18.58
CA GLN B 221 -2.91 -36.43 -19.07
C GLN B 221 -1.91 -36.85 -17.98
N ALA B 222 -1.43 -35.93 -17.14
CA ALA B 222 -0.50 -36.19 -16.01
C ALA B 222 -1.23 -36.70 -14.76
N GLY B 223 -2.56 -36.80 -14.81
CA GLY B 223 -3.38 -37.30 -13.70
C GLY B 223 -3.61 -36.28 -12.59
N ALA B 224 -3.64 -34.99 -12.95
CA ALA B 224 -4.08 -33.96 -11.99
C ALA B 224 -5.44 -34.32 -11.43
N LYS B 225 -5.63 -34.14 -10.12
CA LYS B 225 -6.92 -34.34 -9.45
C LYS B 225 -7.59 -32.98 -9.29
N GLY B 226 -6.81 -31.90 -9.40
CA GLY B 226 -7.30 -30.53 -9.25
C GLY B 226 -6.52 -29.58 -10.13
N ILE B 227 -7.16 -28.52 -10.59
CA ILE B 227 -6.48 -27.43 -11.35
C ILE B 227 -6.88 -26.12 -10.71
N ILE B 228 -5.92 -25.32 -10.30
CA ILE B 228 -6.19 -23.89 -9.97
C ILE B 228 -5.97 -23.09 -11.24
N HIS B 229 -6.96 -22.32 -11.65
CA HIS B 229 -6.87 -21.38 -12.76
C HIS B 229 -6.61 -19.97 -12.19
N ALA B 230 -5.44 -19.41 -12.45
CA ALA B 230 -5.10 -18.04 -12.02
C ALA B 230 -5.61 -17.08 -13.10
N GLY B 231 -6.91 -16.77 -13.02
CA GLY B 231 -7.67 -16.07 -14.06
C GLY B 231 -7.36 -14.59 -14.22
N MET B 232 -7.83 -14.01 -15.29
CA MET B 232 -7.66 -12.57 -15.55
C MET B 232 -8.69 -11.80 -14.71
N GLY B 233 -8.29 -10.73 -14.03
CA GLY B 233 -9.26 -9.98 -13.20
C GLY B 233 -9.91 -10.87 -12.16
N ASN B 234 -11.25 -10.83 -12.05
CA ASN B 234 -12.03 -11.61 -11.05
C ASN B 234 -12.13 -13.05 -11.58
N GLY B 235 -10.98 -13.73 -11.71
CA GLY B 235 -10.93 -15.16 -12.07
C GLY B 235 -11.48 -15.49 -13.46
N ASN B 236 -11.39 -14.60 -14.43
CA ASN B 236 -11.99 -14.85 -15.78
C ASN B 236 -11.05 -15.65 -16.69
N PRO B 237 -11.56 -16.73 -17.34
CA PRO B 237 -10.81 -17.45 -18.35
C PRO B 237 -11.04 -16.89 -19.75
N PHE B 238 -10.08 -17.23 -20.61
CA PHE B 238 -10.12 -17.08 -22.08
C PHE B 238 -11.07 -18.18 -22.56
N PRO B 239 -11.95 -17.96 -23.56
CA PRO B 239 -12.93 -19.00 -23.92
C PRO B 239 -12.36 -20.39 -24.25
N LEU B 240 -11.28 -20.49 -25.04
CA LEU B 240 -10.68 -21.81 -25.40
C LEU B 240 -10.28 -22.53 -24.11
N THR B 241 -9.69 -21.81 -23.15
CA THR B 241 -9.30 -22.38 -21.86
C THR B 241 -10.54 -22.80 -21.07
N GLN B 242 -11.58 -21.98 -21.06
CA GLN B 242 -12.80 -22.29 -20.26
C GLN B 242 -13.35 -23.62 -20.77
N ASN B 243 -13.31 -23.82 -22.09
CA ASN B 243 -13.97 -25.01 -22.69
C ASN B 243 -13.20 -26.23 -22.18
N ALA B 244 -11.87 -26.13 -22.15
CA ALA B 244 -10.98 -27.22 -21.66
C ALA B 244 -11.20 -27.46 -20.17
N LEU B 245 -11.34 -26.40 -19.36
CA LEU B 245 -11.61 -26.56 -17.91
C LEU B 245 -12.98 -27.22 -17.71
N GLU B 246 -13.96 -26.87 -18.53
CA GLU B 246 -15.31 -27.49 -18.47
C GLU B 246 -15.15 -28.99 -18.71
N LYS B 247 -14.37 -29.38 -19.72
CA LYS B 247 -14.10 -30.81 -20.03
C LYS B 247 -13.39 -31.45 -18.84
N ALA B 248 -12.36 -30.80 -18.30
CA ALA B 248 -11.65 -31.26 -17.09
C ALA B 248 -12.66 -31.52 -15.97
N ALA B 249 -13.53 -30.57 -15.64
CA ALA B 249 -14.44 -30.70 -14.47
C ALA B 249 -15.44 -31.84 -14.74
N LYS B 250 -15.88 -32.01 -16.00
CA LYS B 250 -16.88 -33.05 -16.36
C LYS B 250 -16.22 -34.42 -16.14
N SER B 251 -14.89 -34.49 -16.31
CA SER B 251 -14.10 -35.75 -16.15
C SER B 251 -13.83 -36.08 -14.68
N GLY B 252 -14.14 -35.18 -13.75
CA GLY B 252 -14.01 -35.38 -12.30
C GLY B 252 -12.70 -34.81 -11.77
N VAL B 253 -12.02 -33.96 -12.55
CA VAL B 253 -10.86 -33.13 -12.10
C VAL B 253 -11.44 -31.82 -11.57
N VAL B 254 -11.14 -31.45 -10.34
CA VAL B 254 -11.78 -30.27 -9.70
C VAL B 254 -11.11 -29.02 -10.28
N VAL B 255 -11.91 -28.11 -10.79
CA VAL B 255 -11.39 -26.84 -11.33
C VAL B 255 -11.78 -25.73 -10.36
N ALA B 256 -10.77 -25.06 -9.79
CA ALA B 256 -11.04 -23.99 -8.82
C ALA B 256 -10.49 -22.71 -9.42
N ARG B 257 -11.35 -21.70 -9.52
CA ARG B 257 -10.99 -20.36 -10.08
C ARG B 257 -10.35 -19.49 -9.00
N SER B 258 -9.13 -19.02 -9.27
CA SER B 258 -8.45 -17.95 -8.50
C SER B 258 -8.12 -16.84 -9.52
N SER B 259 -7.15 -16.01 -9.21
CA SER B 259 -6.81 -14.83 -10.01
C SER B 259 -5.31 -14.64 -10.04
N ARG B 260 -4.81 -14.07 -11.13
CA ARG B 260 -3.40 -13.66 -11.26
C ARG B 260 -3.18 -12.28 -10.65
N VAL B 261 -4.21 -11.56 -10.21
CA VAL B 261 -3.98 -10.10 -9.94
C VAL B 261 -3.20 -9.83 -8.68
N GLY B 262 -3.38 -10.62 -7.60
CA GLY B 262 -2.54 -10.44 -6.40
C GLY B 262 -3.37 -10.20 -5.15
N SER B 263 -4.61 -9.68 -5.28
CA SER B 263 -5.44 -9.38 -4.08
C SER B 263 -6.91 -9.45 -4.46
N GLY B 264 -7.76 -9.51 -3.46
CA GLY B 264 -9.21 -9.55 -3.66
C GLY B 264 -9.74 -10.96 -3.79
N SER B 265 -11.06 -11.07 -3.75
CA SER B 265 -11.76 -12.37 -3.81
C SER B 265 -12.02 -12.75 -5.26
N THR B 266 -11.81 -14.02 -5.60
CA THR B 266 -12.31 -14.58 -6.86
C THR B 266 -13.73 -15.06 -6.57
N THR B 267 -14.69 -14.19 -6.87
CA THR B 267 -16.05 -14.31 -6.31
C THR B 267 -16.95 -15.30 -7.06
N GLN B 268 -17.91 -15.82 -6.31
CA GLN B 268 -19.07 -16.49 -6.95
C GLN B 268 -19.98 -15.44 -7.58
N GLU B 269 -20.76 -15.86 -8.58
CA GLU B 269 -21.91 -15.10 -9.16
C GLU B 269 -21.44 -13.76 -9.73
N ALA B 270 -20.27 -13.78 -10.37
CA ALA B 270 -19.73 -12.67 -11.18
C ALA B 270 -19.91 -13.10 -12.65
N GLU B 271 -18.87 -13.06 -13.48
CA GLU B 271 -19.07 -13.28 -14.92
C GLU B 271 -19.08 -14.79 -15.22
N VAL B 272 -18.59 -15.63 -14.31
CA VAL B 272 -18.49 -17.10 -14.58
C VAL B 272 -19.61 -17.85 -13.86
N ASP B 273 -20.42 -18.57 -14.63
CA ASP B 273 -21.49 -19.45 -14.06
C ASP B 273 -20.81 -20.76 -13.60
N ASP B 274 -20.26 -20.73 -12.40
CA ASP B 274 -19.52 -21.89 -11.83
C ASP B 274 -20.44 -23.11 -11.72
N LYS B 275 -21.72 -22.90 -11.40
CA LYS B 275 -22.65 -24.02 -11.13
C LYS B 275 -22.88 -24.76 -12.44
N LYS B 276 -23.06 -24.03 -13.54
CA LYS B 276 -23.31 -24.64 -14.86
C LYS B 276 -22.02 -25.25 -15.42
N LEU B 277 -20.86 -24.63 -15.20
CA LEU B 277 -19.57 -25.12 -15.76
C LEU B 277 -18.94 -26.18 -14.85
N GLY B 278 -19.39 -26.31 -13.60
CA GLY B 278 -18.91 -27.32 -12.65
C GLY B 278 -17.65 -26.89 -11.93
N PHE B 279 -17.43 -25.57 -11.79
CA PHE B 279 -16.22 -25.03 -11.15
C PHE B 279 -16.48 -24.62 -9.68
N VAL B 280 -15.38 -24.46 -8.93
CA VAL B 280 -15.35 -23.87 -7.57
C VAL B 280 -14.74 -22.46 -7.68
N ALA B 281 -15.25 -21.51 -6.89
CA ALA B 281 -14.66 -20.16 -6.79
C ALA B 281 -13.83 -20.15 -5.51
N THR B 282 -12.55 -19.77 -5.58
CA THR B 282 -11.64 -19.91 -4.42
C THR B 282 -11.79 -18.71 -3.46
N GLU B 283 -12.48 -17.64 -3.89
CA GLU B 283 -12.79 -16.48 -3.02
C GLU B 283 -11.45 -15.89 -2.53
N SER B 284 -11.31 -15.56 -1.25
CA SER B 284 -10.25 -14.62 -0.78
C SER B 284 -8.97 -15.37 -0.39
N LEU B 285 -8.29 -15.90 -1.42
CA LEU B 285 -6.98 -16.58 -1.29
C LEU B 285 -6.11 -16.07 -2.45
N ASN B 286 -5.14 -16.87 -2.85
CA ASN B 286 -4.38 -16.56 -4.07
C ASN B 286 -4.13 -17.92 -4.73
N PRO B 287 -3.61 -17.99 -5.97
CA PRO B 287 -3.47 -19.31 -6.59
C PRO B 287 -2.67 -20.33 -5.79
N GLN B 288 -1.54 -19.92 -5.22
CA GLN B 288 -0.65 -20.90 -4.55
C GLN B 288 -1.30 -21.39 -3.25
N LYS B 289 -1.97 -20.53 -2.48
CA LYS B 289 -2.64 -21.06 -1.27
C LYS B 289 -3.91 -21.83 -1.64
N ALA B 290 -4.64 -21.39 -2.65
CA ALA B 290 -5.82 -22.14 -3.12
C ALA B 290 -5.36 -23.56 -3.54
N ARG B 291 -4.17 -23.65 -4.15
CA ARG B 291 -3.66 -25.01 -4.52
C ARG B 291 -3.52 -25.87 -3.26
N VAL B 292 -2.93 -25.32 -2.19
CA VAL B 292 -2.78 -26.07 -0.93
C VAL B 292 -4.15 -26.52 -0.44
N LEU B 293 -5.12 -25.60 -0.39
CA LEU B 293 -6.45 -25.95 0.16
C LEU B 293 -7.12 -27.00 -0.73
N LEU B 294 -6.95 -26.92 -2.04
CA LEU B 294 -7.58 -27.91 -2.97
C LEU B 294 -6.90 -29.27 -2.77
N MET B 295 -5.58 -29.29 -2.56
CA MET B 295 -4.84 -30.55 -2.30
C MET B 295 -5.41 -31.20 -1.04
N LEU B 296 -5.64 -30.41 0.03
CA LEU B 296 -6.19 -30.98 1.26
C LEU B 296 -7.64 -31.43 0.97
N ALA B 297 -8.46 -30.62 0.32
CA ALA B 297 -9.86 -30.96 0.02
C ALA B 297 -9.92 -32.33 -0.65
N LEU B 298 -9.04 -32.55 -1.60
CA LEU B 298 -9.05 -33.75 -2.47
C LEU B 298 -8.66 -34.97 -1.64
N THR B 299 -8.05 -34.81 -0.48
CA THR B 299 -7.78 -35.96 0.43
C THR B 299 -9.10 -36.49 0.99
N LYS B 300 -10.22 -35.76 0.96
CA LYS B 300 -11.48 -36.44 1.42
C LYS B 300 -12.65 -36.33 0.45
N THR B 301 -12.57 -35.54 -0.62
CA THR B 301 -13.71 -35.43 -1.56
C THR B 301 -13.25 -34.82 -2.89
N SER B 302 -13.95 -35.14 -3.98
CA SER B 302 -13.85 -34.40 -5.27
C SER B 302 -15.21 -33.76 -5.62
N ASP B 303 -16.14 -33.75 -4.67
CA ASP B 303 -17.49 -33.18 -4.88
C ASP B 303 -17.38 -31.65 -4.90
N ARG B 304 -17.90 -31.03 -5.96
CA ARG B 304 -17.90 -29.57 -6.23
C ARG B 304 -18.51 -28.83 -5.05
N GLU B 305 -19.75 -29.18 -4.70
CA GLU B 305 -20.44 -28.44 -3.60
C GLU B 305 -19.60 -28.56 -2.32
N ALA B 306 -19.10 -29.75 -1.97
CA ALA B 306 -18.33 -29.91 -0.72
C ALA B 306 -17.04 -29.09 -0.79
N ILE B 307 -16.39 -29.04 -1.95
CA ILE B 307 -15.13 -28.26 -2.08
C ILE B 307 -15.46 -26.75 -2.08
N GLN B 308 -16.59 -26.35 -2.67
CA GLN B 308 -17.00 -24.92 -2.58
C GLN B 308 -17.20 -24.60 -1.08
N LYS B 309 -17.77 -25.51 -0.31
CA LYS B 309 -18.00 -25.19 1.11
C LYS B 309 -16.66 -25.06 1.81
N ILE B 310 -15.68 -25.92 1.49
CA ILE B 310 -14.31 -25.80 2.09
C ILE B 310 -13.71 -24.42 1.78
N PHE B 311 -13.76 -23.96 0.54
CA PHE B 311 -13.19 -22.65 0.15
C PHE B 311 -13.95 -21.54 0.86
N SER B 312 -15.25 -21.73 1.05
CA SER B 312 -16.14 -20.70 1.66
C SER B 312 -16.05 -20.80 3.19
N THR B 313 -15.28 -21.71 3.77
CA THR B 313 -15.13 -21.87 5.23
C THR B 313 -13.71 -21.48 5.68
N TYR B 314 -12.68 -22.02 5.03
CA TYR B 314 -11.28 -21.91 5.54
C TYR B 314 -10.63 -20.64 5.02
N LYS C 1 38.72 7.23 -10.60
CA LYS C 1 37.71 6.82 -9.55
C LYS C 1 36.89 8.04 -9.19
N PRO C 2 35.55 7.94 -9.11
CA PRO C 2 34.75 9.08 -8.72
C PRO C 2 35.08 9.52 -7.30
N GLN C 3 35.06 10.83 -7.06
CA GLN C 3 35.32 11.42 -5.73
C GLN C 3 33.97 11.81 -5.13
N VAL C 4 33.69 11.35 -3.93
CA VAL C 4 32.41 11.63 -3.23
C VAL C 4 32.73 12.12 -1.82
N THR C 5 32.03 13.14 -1.38
CA THR C 5 32.13 13.63 0.00
C THR C 5 30.90 13.13 0.73
N ILE C 6 31.13 12.54 1.90
CA ILE C 6 30.02 12.14 2.81
C ILE C 6 30.02 13.21 3.91
N LEU C 7 28.90 13.93 4.04
CA LEU C 7 28.65 14.93 5.07
C LEU C 7 27.76 14.27 6.13
N ALA C 8 28.28 14.15 7.33
CA ALA C 8 27.57 13.44 8.43
C ALA C 8 26.87 14.48 9.28
N THR C 9 25.60 14.23 9.63
CA THR C 9 24.80 15.19 10.41
C THR C 9 24.38 14.56 11.72
N GLY C 10 24.57 13.24 11.87
CA GLY C 10 23.98 12.50 13.01
C GLY C 10 22.93 11.47 12.56
N GLY C 11 22.02 11.14 13.47
CA GLY C 11 20.95 10.15 13.20
C GLY C 11 21.29 8.78 13.74
N THR C 12 20.32 7.87 13.73
CA THR C 12 20.54 6.52 14.29
C THR C 12 21.49 5.76 13.38
N ILE C 13 21.66 6.17 12.12
CA ILE C 13 22.74 5.60 11.27
C ILE C 13 24.09 5.62 12.01
N ALA C 14 24.35 6.64 12.80
CA ALA C 14 25.65 6.85 13.48
C ALA C 14 25.51 6.51 14.97
N GLY C 15 24.42 5.82 15.36
CA GLY C 15 24.23 5.33 16.74
C GLY C 15 24.81 3.93 16.90
N ALA C 16 27.48 9.64 18.42
CA ALA C 16 27.87 8.32 18.97
C ALA C 16 29.12 7.81 18.23
N VAL C 17 29.03 7.42 16.95
CA VAL C 17 30.21 6.95 16.15
C VAL C 17 30.74 8.14 15.33
N THR C 18 32.06 8.17 15.09
CA THR C 18 32.73 9.15 14.21
C THR C 18 32.49 8.75 12.73
N VAL C 19 32.68 9.67 11.79
CA VAL C 19 32.42 9.47 10.32
C VAL C 19 33.24 8.30 9.79
N ASP C 20 34.52 8.21 10.18
CA ASP C 20 35.47 7.21 9.63
C ASP C 20 35.04 5.82 10.13
N LYS C 21 34.53 5.76 11.36
CA LYS C 21 34.01 4.52 11.99
C LYS C 21 32.81 4.06 11.16
N LEU C 22 31.88 4.96 10.87
CA LEU C 22 30.67 4.65 10.04
C LEU C 22 31.15 4.10 8.68
N LEU C 23 32.10 4.81 8.06
CA LEU C 23 32.73 4.46 6.75
C LEU C 23 33.47 3.12 6.87
N ALA C 24 34.24 2.92 7.94
CA ALA C 24 35.08 1.71 8.13
C ALA C 24 34.20 0.45 8.26
N ALA C 25 32.92 0.62 8.60
CA ALA C 25 31.99 -0.50 8.88
C ALA C 25 31.52 -1.14 7.56
N VAL C 26 31.68 -0.44 6.42
CA VAL C 26 31.30 -0.90 5.05
C VAL C 26 32.50 -0.72 4.11
N PRO C 27 33.57 -1.53 4.26
CA PRO C 27 34.81 -1.31 3.51
C PRO C 27 34.65 -1.39 1.97
N ALA C 28 33.61 -2.10 1.51
CA ALA C 28 33.28 -2.29 0.09
C ALA C 28 33.06 -0.94 -0.59
N ILE C 29 32.76 0.14 0.14
CA ILE C 29 32.52 1.43 -0.55
C ILE C 29 33.84 1.97 -1.11
N ASN C 30 35.00 1.57 -0.57
CA ASN C 30 36.27 2.25 -0.93
C ASN C 30 36.69 1.83 -2.34
N ASP C 31 36.23 0.68 -2.82
CA ASP C 31 36.52 0.21 -4.21
C ASP C 31 35.70 1.01 -5.23
N LEU C 32 34.61 1.63 -4.78
CA LEU C 32 33.58 2.30 -5.63
C LEU C 32 33.96 3.77 -5.89
N ALA C 33 34.61 4.40 -4.91
CA ALA C 33 34.82 5.87 -4.96
C ALA C 33 35.98 6.23 -4.05
N THR C 34 36.60 7.35 -4.32
CA THR C 34 37.47 8.06 -3.34
C THR C 34 36.56 8.85 -2.41
N ILE C 35 36.43 8.39 -1.18
CA ILE C 35 35.47 8.94 -0.18
C ILE C 35 36.25 9.86 0.74
N LYS C 36 35.76 11.08 0.93
CA LYS C 36 36.14 12.01 2.03
C LYS C 36 34.94 12.16 2.96
N GLY C 37 35.16 12.05 4.27
CA GLY C 37 34.14 12.31 5.30
C GLY C 37 34.30 13.68 5.94
N GLU C 38 33.19 14.33 6.24
CA GLU C 38 33.13 15.64 6.96
C GLU C 38 31.97 15.59 7.96
N GLN C 39 32.20 16.00 9.21
CA GLN C 39 31.14 16.10 10.26
C GLN C 39 30.57 17.52 10.23
N ILE C 40 29.34 17.68 9.77
CA ILE C 40 28.65 18.99 9.66
C ILE C 40 27.93 19.29 10.99
N SER C 41 27.27 18.27 11.53
CA SER C 41 26.56 18.31 12.84
C SER C 41 26.59 16.91 13.43
N SER C 42 26.20 16.75 14.68
CA SER C 42 26.11 15.41 15.32
C SER C 42 24.87 15.41 16.20
N ILE C 43 23.72 15.39 15.57
CA ILE C 43 22.44 15.56 16.29
C ILE C 43 21.45 14.53 15.73
N GLY C 44 20.53 14.06 16.55
CA GLY C 44 19.31 13.42 16.03
C GLY C 44 18.57 14.40 15.15
N SER C 45 17.90 13.90 14.11
CA SER C 45 17.26 14.80 13.14
C SER C 45 16.03 15.50 13.75
N GLN C 46 15.52 15.01 14.88
CA GLN C 46 14.43 15.72 15.63
C GLN C 46 14.97 17.03 16.23
N GLU C 47 16.28 17.27 16.25
CA GLU C 47 16.88 18.51 16.77
C GLU C 47 17.30 19.45 15.61
N MET C 48 17.02 19.10 14.35
CA MET C 48 17.46 19.90 13.19
C MET C 48 16.86 21.28 13.30
N THR C 49 17.56 22.29 12.76
CA THR C 49 17.13 23.67 12.71
C THR C 49 17.50 24.25 11.36
N GLY C 50 16.90 25.40 11.03
CA GLY C 50 17.21 26.13 9.80
C GLY C 50 18.68 26.54 9.76
N LYS C 51 19.28 26.80 10.91
CA LYS C 51 20.73 27.15 10.91
C LYS C 51 21.57 26.03 10.28
N VAL C 52 21.29 24.79 10.68
CA VAL C 52 22.02 23.61 10.14
C VAL C 52 21.65 23.43 8.66
N TRP C 53 20.38 23.63 8.30
CA TRP C 53 19.95 23.47 6.89
C TRP C 53 20.80 24.39 6.01
N LEU C 54 20.90 25.63 6.41
CA LEU C 54 21.68 26.64 5.63
C LEU C 54 23.16 26.27 5.55
N LYS C 55 23.76 25.86 6.67
CA LYS C 55 25.19 25.43 6.71
C LYS C 55 25.38 24.26 5.72
N LEU C 56 24.50 23.28 5.79
CA LEU C 56 24.53 22.09 4.91
C LEU C 56 24.42 22.49 3.44
N ALA C 57 23.43 23.28 3.09
CA ALA C 57 23.14 23.64 1.68
C ALA C 57 24.35 24.40 1.13
N LYS C 58 24.87 25.35 1.91
CA LYS C 58 26.01 26.17 1.41
C LYS C 58 27.22 25.28 1.20
N ARG C 59 27.43 24.30 2.07
CA ARG C 59 28.59 23.40 1.97
C ARG C 59 28.38 22.46 0.78
N VAL C 60 27.18 21.93 0.61
CA VAL C 60 26.91 21.05 -0.56
C VAL C 60 27.17 21.88 -1.83
N ASN C 61 26.69 23.12 -1.91
CA ASN C 61 26.89 23.95 -3.13
C ASN C 61 28.40 24.19 -3.37
N GLU C 62 29.18 24.44 -2.31
CA GLU C 62 30.66 24.62 -2.43
C GLU C 62 31.27 23.33 -3.02
N LEU C 63 30.93 22.19 -2.46
CA LEU C 63 31.54 20.90 -2.87
C LEU C 63 31.22 20.61 -4.33
N LEU C 64 29.95 20.78 -4.70
CA LEU C 64 29.50 20.35 -6.04
C LEU C 64 30.06 21.30 -7.11
N ALA C 65 30.41 22.52 -6.74
CA ALA C 65 31.03 23.50 -7.67
C ALA C 65 32.49 23.11 -7.97
N GLN C 66 33.10 22.25 -7.17
CA GLN C 66 34.48 21.74 -7.38
C GLN C 66 34.48 20.79 -8.59
N LYS C 67 35.36 21.01 -9.56
CA LYS C 67 35.47 20.10 -10.72
C LYS C 67 35.83 18.68 -10.27
N GLU C 68 36.56 18.53 -9.17
CA GLU C 68 37.06 17.20 -8.71
C GLU C 68 35.94 16.38 -8.05
N THR C 69 34.80 16.96 -7.70
CA THR C 69 33.82 16.30 -6.81
C THR C 69 32.61 15.83 -7.65
N GLU C 70 32.31 14.54 -7.64
CA GLU C 70 31.24 13.92 -8.47
C GLU C 70 29.90 14.08 -7.77
N ALA C 71 29.86 13.97 -6.45
CA ALA C 71 28.57 13.82 -5.72
C ALA C 71 28.78 14.04 -4.24
N VAL C 72 27.67 14.23 -3.54
CA VAL C 72 27.68 14.33 -2.07
C VAL C 72 26.66 13.35 -1.52
N ILE C 73 27.04 12.66 -0.45
CA ILE C 73 26.11 11.84 0.36
C ILE C 73 25.98 12.53 1.71
N ILE C 74 24.77 12.58 2.23
CA ILE C 74 24.53 13.14 3.59
C ILE C 74 23.93 12.05 4.46
N THR C 75 24.63 11.66 5.52
CA THR C 75 24.09 10.70 6.51
C THR C 75 23.29 11.53 7.51
N HIS C 76 22.08 11.05 7.84
CA HIS C 76 21.06 11.89 8.51
C HIS C 76 20.11 10.99 9.29
N GLY C 77 19.56 11.54 10.34
CA GLY C 77 18.44 10.92 11.04
C GLY C 77 17.28 10.77 10.08
N THR C 78 16.52 9.72 10.28
CA THR C 78 15.34 9.42 9.42
C THR C 78 14.18 10.36 9.73
N ASP C 79 14.05 10.86 10.96
CA ASP C 79 12.81 11.56 11.38
C ASP C 79 12.50 12.78 10.50
N THR C 80 13.52 13.58 10.09
CA THR C 80 13.33 14.86 9.37
C THR C 80 14.20 14.85 8.14
N MET C 81 14.63 13.66 7.74
CA MET C 81 15.39 13.50 6.46
C MET C 81 14.54 14.10 5.32
N GLU C 82 13.23 13.88 5.30
CA GLU C 82 12.40 14.42 4.18
C GLU C 82 12.43 15.95 4.11
N GLU C 83 12.58 16.64 5.24
CA GLU C 83 12.58 18.13 5.24
C GLU C 83 13.95 18.61 4.74
N THR C 84 15.04 17.98 5.20
CA THR C 84 16.40 18.39 4.76
C THR C 84 16.52 18.11 3.26
N ALA C 85 16.05 16.94 2.81
CA ALA C 85 16.17 16.55 1.38
C ALA C 85 15.36 17.55 0.52
N PHE C 86 14.16 17.89 0.94
CA PHE C 86 13.30 18.83 0.19
C PHE C 86 13.95 20.22 0.16
N PHE C 87 14.48 20.66 1.30
CA PHE C 87 15.18 21.98 1.33
C PHE C 87 16.34 21.96 0.35
N LEU C 88 17.17 20.95 0.35
CA LEU C 88 18.35 20.86 -0.54
C LEU C 88 17.86 20.73 -1.98
N ASN C 89 16.70 20.11 -2.16
CA ASN C 89 16.21 19.89 -3.53
C ASN C 89 15.91 21.24 -4.18
N LEU C 90 15.65 22.27 -3.39
CA LEU C 90 15.32 23.57 -3.98
C LEU C 90 16.43 24.60 -3.79
N THR C 91 17.52 24.27 -3.13
CA THR C 91 18.62 25.24 -2.88
C THR C 91 19.98 24.80 -3.43
N VAL C 92 20.15 23.55 -3.86
CA VAL C 92 21.40 23.04 -4.45
C VAL C 92 21.44 23.39 -5.93
N LYS C 93 22.43 24.19 -6.32
CA LYS C 93 22.54 24.71 -7.69
C LYS C 93 23.49 23.84 -8.50
N SER C 94 23.14 22.57 -8.66
CA SER C 94 23.97 21.60 -9.40
C SER C 94 23.07 20.49 -9.90
N GLN C 95 23.49 19.78 -10.94
CA GLN C 95 22.80 18.55 -11.38
C GLN C 95 23.51 17.32 -10.81
N LYS C 96 24.63 17.52 -10.09
CA LYS C 96 25.43 16.40 -9.60
C LYS C 96 24.60 15.71 -8.53
N PRO C 97 24.73 14.40 -8.34
CA PRO C 97 23.93 13.70 -7.32
C PRO C 97 24.14 14.17 -5.89
N VAL C 98 23.03 14.28 -5.18
CA VAL C 98 22.99 14.55 -3.71
C VAL C 98 22.09 13.45 -3.15
N VAL C 99 22.66 12.59 -2.32
CA VAL C 99 21.93 11.43 -1.77
C VAL C 99 21.85 11.59 -0.24
N LEU C 100 20.62 11.52 0.30
CA LEU C 100 20.46 11.39 1.77
C LEU C 100 20.19 9.94 2.12
N VAL C 101 20.79 9.55 3.24
CA VAL C 101 20.71 8.15 3.69
C VAL C 101 20.76 8.13 5.19
N GLY C 102 20.03 7.18 5.77
CA GLY C 102 19.99 6.95 7.22
C GLY C 102 19.74 5.49 7.51
N ALA C 103 19.32 5.20 8.73
CA ALA C 103 19.08 3.84 9.24
C ALA C 103 18.03 3.91 10.32
N MET C 104 17.06 3.02 10.25
CA MET C 104 16.01 2.95 11.29
C MET C 104 16.51 2.18 12.53
N ARG C 105 17.58 1.41 12.40
CA ARG C 105 18.22 0.69 13.53
C ARG C 105 19.64 1.19 13.70
N PRO C 106 20.15 1.30 14.94
CA PRO C 106 21.53 1.75 15.10
C PRO C 106 22.50 0.65 14.64
N GLY C 107 23.77 1.03 14.38
CA GLY C 107 24.84 0.15 13.87
C GLY C 107 25.06 -1.06 14.74
N SER C 108 24.77 -0.92 16.03
CA SER C 108 24.98 -1.91 17.11
C SER C 108 23.87 -2.98 17.07
N SER C 109 22.75 -2.69 16.39
CA SER C 109 21.54 -3.53 16.45
C SER C 109 21.77 -4.83 15.67
N MET C 110 21.11 -5.91 16.08
CA MET C 110 20.84 -7.07 15.19
C MET C 110 20.30 -6.53 13.88
N SER C 111 20.80 -7.03 12.74
CA SER C 111 20.22 -6.69 11.42
C SER C 111 20.15 -5.18 11.20
N ALA C 112 21.19 -4.46 11.63
CA ALA C 112 21.38 -3.04 11.33
C ALA C 112 21.20 -2.76 9.83
N ASP C 113 20.34 -1.80 9.48
CA ASP C 113 20.05 -1.47 8.07
C ASP C 113 21.05 -0.46 7.50
N GLY C 114 21.87 0.20 8.34
CA GLY C 114 22.76 1.26 7.89
C GLY C 114 23.81 0.81 6.88
N PRO C 115 24.54 -0.29 7.11
CA PRO C 115 25.59 -0.72 6.18
C PRO C 115 25.08 -0.85 4.74
N MET C 116 24.05 -1.65 4.52
CA MET C 116 23.51 -1.79 3.14
C MET C 116 23.02 -0.44 2.64
N ASN C 117 22.37 0.35 3.48
CA ASN C 117 21.81 1.63 2.98
C ASN C 117 22.96 2.52 2.49
N LEU C 118 24.03 2.61 3.27
CA LEU C 118 25.19 3.47 2.91
C LEU C 118 25.87 2.96 1.62
N TYR C 119 26.12 1.65 1.56
CA TYR C 119 26.69 0.97 0.38
C TYR C 119 25.84 1.32 -0.84
N ASN C 120 24.52 1.13 -0.71
CA ASN C 120 23.61 1.49 -1.82
C ASN C 120 23.64 2.98 -2.13
N ALA C 121 23.70 3.86 -1.14
CA ALA C 121 23.80 5.31 -1.40
C ALA C 121 25.04 5.59 -2.24
N VAL C 122 26.18 5.00 -1.91
CA VAL C 122 27.46 5.30 -2.64
C VAL C 122 27.28 4.89 -4.12
N ASN C 123 26.64 3.77 -4.36
CA ASN C 123 26.36 3.29 -5.73
C ASN C 123 25.43 4.27 -6.43
N VAL C 124 24.42 4.79 -5.74
CA VAL C 124 23.50 5.74 -6.40
C VAL C 124 24.29 7.00 -6.72
N ALA C 125 25.12 7.49 -5.80
CA ALA C 125 25.81 8.79 -5.97
C ALA C 125 26.76 8.75 -7.17
N ILE C 126 27.35 7.62 -7.49
CA ILE C 126 28.36 7.55 -8.59
C ILE C 126 27.67 7.16 -9.91
N ASN C 127 26.40 6.77 -9.88
CA ASN C 127 25.72 6.27 -11.09
C ASN C 127 25.52 7.42 -12.08
N LYS C 128 25.84 7.18 -13.36
CA LYS C 128 25.73 8.19 -14.42
C LYS C 128 24.27 8.65 -14.47
N ALA C 129 23.28 7.76 -14.30
CA ALA C 129 21.86 8.14 -14.49
C ALA C 129 21.33 8.97 -13.32
N SER C 130 22.09 9.16 -12.25
CA SER C 130 21.61 9.92 -11.06
C SER C 130 21.74 11.42 -11.35
N THR C 131 22.51 11.80 -12.38
CA THR C 131 22.68 13.21 -12.79
C THR C 131 21.32 13.82 -13.11
N ASN C 132 21.05 15.01 -12.58
CA ASN C 132 19.82 15.81 -12.77
C ASN C 132 18.56 15.04 -12.33
N LYS C 133 18.65 14.11 -11.38
CA LYS C 133 17.41 13.48 -10.84
C LYS C 133 16.88 14.30 -9.66
N GLY C 134 17.62 15.33 -9.25
CA GLY C 134 17.30 16.12 -8.05
C GLY C 134 17.84 15.41 -6.82
N VAL C 135 17.67 16.00 -5.66
CA VAL C 135 18.09 15.36 -4.40
C VAL C 135 17.25 14.10 -4.21
N VAL C 136 17.88 13.03 -3.76
CA VAL C 136 17.15 11.75 -3.56
C VAL C 136 17.45 11.25 -2.15
N ILE C 137 16.48 10.52 -1.63
CA ILE C 137 16.64 9.67 -0.42
C ILE C 137 16.83 8.25 -0.91
N VAL C 138 17.87 7.59 -0.42
CA VAL C 138 18.13 6.17 -0.74
C VAL C 138 17.98 5.35 0.53
N MET C 139 16.93 4.54 0.59
CA MET C 139 16.58 3.76 1.80
C MET C 139 15.98 2.44 1.36
N ASN C 140 16.40 1.33 1.95
CA ASN C 140 15.69 0.04 1.80
C ASN C 140 15.61 -0.33 0.31
N ASP C 141 16.72 -0.09 -0.39
CA ASP C 141 16.91 -0.52 -1.79
C ASP C 141 16.05 0.33 -2.72
N GLU C 142 15.56 1.45 -2.23
CA GLU C 142 14.69 2.36 -3.03
C GLU C 142 15.29 3.73 -3.20
N ILE C 143 15.03 4.35 -4.35
CA ILE C 143 15.45 5.73 -4.63
C ILE C 143 14.20 6.59 -4.73
N HIS C 144 14.07 7.53 -3.79
CA HIS C 144 12.91 8.41 -3.71
C HIS C 144 13.32 9.84 -4.04
N ALA C 145 12.53 10.45 -4.89
CA ALA C 145 12.59 11.88 -5.24
C ALA C 145 12.36 12.70 -3.96
N ALA C 146 13.24 13.65 -3.67
CA ALA C 146 13.07 14.46 -2.45
C ALA C 146 11.70 15.14 -2.41
N ARG C 147 11.13 15.55 -3.54
CA ARG C 147 9.80 16.22 -3.49
C ARG C 147 8.75 15.28 -2.92
N GLU C 148 8.87 13.99 -3.21
CA GLU C 148 7.76 13.02 -3.01
C GLU C 148 7.95 12.19 -1.75
N ALA C 149 9.17 12.13 -1.19
CA ALA C 149 9.53 11.18 -0.13
C ALA C 149 8.93 11.62 1.22
N THR C 150 8.59 10.64 2.05
CA THR C 150 8.20 10.92 3.44
C THR C 150 8.51 9.70 4.28
N LYS C 151 8.79 9.91 5.57
CA LYS C 151 8.79 8.78 6.53
C LYS C 151 7.34 8.55 6.92
N LEU C 152 6.81 7.35 6.59
CA LEU C 152 5.38 7.04 6.72
C LEU C 152 5.12 6.09 7.90
N ASN C 153 6.16 5.61 8.58
CA ASN C 153 6.05 4.58 9.66
C ASN C 153 7.00 4.97 10.78
N THR C 154 6.64 4.66 12.02
CA THR C 154 7.48 5.08 13.17
C THR C 154 8.77 4.27 13.26
N THR C 155 8.76 3.00 12.88
CA THR C 155 9.83 2.04 13.27
C THR C 155 10.42 1.26 12.09
N ALA C 156 9.64 0.97 11.07
CA ALA C 156 9.98 -0.06 10.07
C ALA C 156 11.21 0.34 9.25
N VAL C 157 12.03 -0.63 8.86
CA VAL C 157 13.19 -0.33 7.96
C VAL C 157 12.66 0.20 6.62
N ASN C 158 11.45 -0.19 6.22
CA ASN C 158 10.82 0.28 4.98
C ASN C 158 9.92 1.51 5.21
N ALA C 159 10.21 2.32 6.20
CA ALA C 159 9.30 3.42 6.59
C ALA C 159 9.22 4.45 5.47
N PHE C 160 10.24 4.61 4.63
CA PHE C 160 10.16 5.65 3.58
C PHE C 160 9.22 5.17 2.46
N ALA C 161 8.50 6.14 1.92
CA ALA C 161 7.53 5.99 0.83
C ALA C 161 7.50 7.30 0.06
N SER C 162 6.92 7.24 -1.14
CA SER C 162 6.51 8.41 -1.93
C SER C 162 5.03 8.25 -2.25
N PRO C 163 4.14 8.60 -1.29
CA PRO C 163 2.76 8.13 -1.39
C PRO C 163 1.99 8.68 -2.59
N ASN C 164 2.36 9.84 -3.15
CA ASN C 164 1.67 10.43 -4.32
C ASN C 164 2.23 9.90 -5.66
N THR C 165 3.40 9.32 -5.66
CA THR C 165 4.06 8.77 -6.85
C THR C 165 4.44 7.36 -6.37
N GLY C 166 5.70 7.20 -6.11
CA GLY C 166 6.38 5.95 -5.82
C GLY C 166 7.84 6.27 -6.00
N LYS C 167 8.66 5.33 -5.63
CA LYS C 167 10.13 5.44 -5.82
C LYS C 167 10.40 5.74 -7.29
N ILE C 168 11.43 6.52 -7.56
CA ILE C 168 11.88 6.78 -8.95
C ILE C 168 12.85 5.72 -9.42
N GLY C 169 13.43 4.93 -8.54
CA GLY C 169 14.41 3.91 -8.92
C GLY C 169 14.69 2.94 -7.81
N THR C 170 15.48 1.94 -8.14
CA THR C 170 15.90 0.87 -7.22
C THR C 170 17.41 0.79 -7.16
N VAL C 171 17.88 0.30 -6.04
CA VAL C 171 19.30 -0.03 -5.89
C VAL C 171 19.36 -1.30 -5.05
N TYR C 172 19.78 -2.38 -5.69
CA TYR C 172 19.77 -3.73 -5.07
C TYR C 172 21.19 -4.27 -5.12
N TYR C 173 21.81 -4.38 -3.94
CA TYR C 173 23.24 -4.73 -3.81
C TYR C 173 24.04 -3.86 -4.79
N GLY C 174 23.79 -2.55 -4.79
CA GLY C 174 24.58 -1.55 -5.55
C GLY C 174 24.15 -1.44 -7.00
N LYS C 175 23.25 -2.30 -7.50
CA LYS C 175 22.81 -2.18 -8.89
C LYS C 175 21.73 -1.10 -9.00
N VAL C 176 22.00 -0.03 -9.73
CA VAL C 176 21.15 1.19 -9.76
C VAL C 176 20.33 1.19 -11.04
N GLU C 177 19.02 1.27 -10.94
CA GLU C 177 18.14 1.44 -12.12
C GLU C 177 17.10 2.51 -11.81
N TYR C 178 16.93 3.47 -12.68
CA TYR C 178 15.85 4.47 -12.58
C TYR C 178 14.69 4.02 -13.48
N PHE C 179 13.47 4.23 -13.04
CA PHE C 179 12.29 3.98 -13.90
C PHE C 179 11.51 5.24 -14.21
N THR C 180 11.61 6.22 -13.33
CA THR C 180 10.91 7.50 -13.53
C THR C 180 11.79 8.63 -13.07
N GLN C 181 11.38 9.83 -13.45
CA GLN C 181 11.99 11.05 -12.90
C GLN C 181 10.91 12.09 -12.63
N SER C 182 11.15 12.96 -11.66
CA SER C 182 10.27 14.09 -11.38
C SER C 182 10.17 15.00 -12.61
N VAL C 183 8.98 15.55 -12.86
CA VAL C 183 8.70 16.63 -13.87
C VAL C 183 8.44 17.97 -13.16
N ARG C 184 8.72 18.06 -11.85
CA ARG C 184 8.64 19.30 -11.05
C ARG C 184 10.05 19.84 -10.97
N PRO C 185 10.24 21.16 -11.19
CA PRO C 185 11.59 21.74 -11.20
C PRO C 185 12.30 21.62 -9.85
N HIS C 186 13.58 21.38 -9.92
CA HIS C 186 14.44 21.20 -8.73
C HIS C 186 15.85 21.68 -9.04
N THR C 187 16.66 21.71 -7.98
CA THR C 187 18.12 21.94 -7.96
C THR C 187 18.45 23.08 -8.91
N LEU C 188 19.22 22.80 -9.97
CA LEU C 188 19.78 23.87 -10.83
C LEU C 188 18.64 24.71 -11.44
N ALA C 189 17.43 24.18 -11.59
CA ALA C 189 16.30 24.90 -12.21
C ALA C 189 15.53 25.74 -11.18
N SER C 190 15.78 25.56 -9.88
CA SER C 190 15.00 26.24 -8.82
C SER C 190 15.29 27.75 -8.78
N GLU C 191 14.26 28.54 -8.52
CA GLU C 191 14.36 30.00 -8.39
C GLU C 191 14.96 30.46 -7.06
N PHE C 192 15.15 29.55 -6.11
CA PHE C 192 15.53 29.91 -4.72
C PHE C 192 17.04 29.96 -4.60
N ASP C 193 17.52 30.86 -3.76
CA ASP C 193 18.98 31.05 -3.54
C ASP C 193 19.15 31.45 -2.08
N ILE C 194 19.79 30.60 -1.29
CA ILE C 194 19.90 30.84 0.18
C ILE C 194 21.32 31.32 0.52
N SER C 195 22.10 31.66 -0.51
CA SER C 195 23.55 31.91 -0.33
C SER C 195 23.76 33.02 0.70
N LYS C 196 22.91 34.03 0.73
CA LYS C 196 23.11 35.21 1.64
C LYS C 196 22.10 35.17 2.79
N ILE C 197 21.41 34.05 2.98
CA ILE C 197 20.40 33.96 4.06
C ILE C 197 21.05 33.32 5.29
N GLU C 198 20.84 33.92 6.46
CA GLU C 198 21.45 33.47 7.74
C GLU C 198 20.38 32.86 8.62
N GLU C 199 19.12 33.22 8.39
CA GLU C 199 17.99 32.76 9.23
C GLU C 199 16.78 32.62 8.31
N LEU C 200 16.15 31.46 8.30
CA LEU C 200 14.92 31.27 7.49
C LEU C 200 13.71 31.86 8.21
N PRO C 201 12.70 32.28 7.42
CA PRO C 201 11.43 32.79 7.95
C PRO C 201 10.73 31.76 8.84
N ARG C 202 10.17 32.22 9.95
CA ARG C 202 9.44 31.33 10.89
C ARG C 202 8.13 30.87 10.25
N VAL C 203 7.93 29.56 10.18
CA VAL C 203 6.64 28.98 9.72
C VAL C 203 6.19 27.93 10.75
N ASP C 204 5.00 28.09 11.29
CA ASP C 204 4.44 27.13 12.27
C ASP C 204 3.61 26.13 11.51
N ILE C 205 3.35 24.98 12.14
CA ILE C 205 2.34 24.00 11.60
C ILE C 205 1.30 23.76 12.68
N LEU C 206 0.04 23.67 12.28
CA LEU C 206 -1.10 23.42 13.19
C LEU C 206 -1.78 22.12 12.79
N TYR C 207 -2.23 21.37 13.80
CA TYR C 207 -2.87 20.06 13.60
C TYR C 207 -4.36 20.20 13.82
N ALA C 208 -5.15 20.04 12.76
CA ALA C 208 -6.61 20.24 12.81
C ALA C 208 -7.32 19.03 13.40
N HIS C 209 -8.47 19.28 14.02
CA HIS C 209 -9.31 18.23 14.64
C HIS C 209 -10.68 18.83 14.95
N PRO C 210 -11.71 17.98 15.13
CA PRO C 210 -12.99 18.48 15.62
C PRO C 210 -12.85 19.27 16.91
N ASP C 211 -13.75 20.25 17.13
CA ASP C 211 -13.73 21.03 18.39
C ASP C 211 -12.38 21.75 18.48
N ASP C 212 -11.95 22.31 17.35
CA ASP C 212 -10.65 22.99 17.24
C ASP C 212 -10.74 24.39 17.82
N THR C 213 -9.60 25.03 17.79
CA THR C 213 -9.32 26.22 18.61
C THR C 213 -8.71 27.33 17.75
N ASP C 214 -8.73 28.56 18.29
CA ASP C 214 -8.05 29.71 17.65
C ASP C 214 -6.77 30.05 18.42
N VAL C 215 -6.53 29.43 19.56
CA VAL C 215 -5.43 29.88 20.45
C VAL C 215 -4.07 29.54 19.86
N LEU C 216 -3.94 28.54 18.98
CA LEU C 216 -2.59 28.16 18.53
C LEU C 216 -2.25 29.06 17.34
N VAL C 217 -3.24 29.38 16.50
CA VAL C 217 -3.06 30.40 15.44
C VAL C 217 -2.59 31.70 16.08
N ASN C 218 -3.27 32.11 17.16
CA ASN C 218 -2.96 33.39 17.83
C ASN C 218 -1.54 33.37 18.42
N ALA C 219 -1.14 32.25 19.01
CA ALA C 219 0.19 32.10 19.63
C ALA C 219 1.24 32.18 18.52
N ALA C 220 0.98 31.56 17.38
CA ALA C 220 1.98 31.57 16.30
C ALA C 220 2.11 33.02 15.82
N LEU C 221 1.02 33.77 15.73
CA LEU C 221 1.02 35.18 15.24
C LEU C 221 1.85 36.00 16.23
N GLN C 222 1.55 35.81 17.52
CA GLN C 222 2.22 36.52 18.64
C GLN C 222 3.73 36.23 18.61
N ALA C 223 4.14 35.01 18.22
CA ALA C 223 5.54 34.58 18.19
C ALA C 223 6.21 35.02 16.87
N GLY C 224 5.50 35.73 16.00
CA GLY C 224 6.07 36.32 14.77
C GLY C 224 6.17 35.33 13.63
N ALA C 225 5.25 34.37 13.58
CA ALA C 225 5.13 33.48 12.39
C ALA C 225 5.04 34.35 11.14
N LYS C 226 5.78 34.01 10.07
CA LYS C 226 5.67 34.70 8.76
C LYS C 226 4.77 33.84 7.87
N GLY C 227 4.60 32.58 8.26
CA GLY C 227 3.68 31.67 7.57
C GLY C 227 3.14 30.64 8.54
N ILE C 228 1.99 30.06 8.21
CA ILE C 228 1.38 28.95 9.00
C ILE C 228 0.96 27.87 8.00
N ILE C 229 1.42 26.64 8.19
CA ILE C 229 0.81 25.49 7.48
C ILE C 229 -0.31 24.96 8.37
N HIS C 230 -1.50 24.85 7.84
CA HIS C 230 -2.65 24.27 8.54
C HIS C 230 -2.79 22.84 8.02
N ALA C 231 -2.58 21.84 8.89
CA ALA C 231 -2.68 20.43 8.48
C ALA C 231 -4.14 20.07 8.72
N GLY C 232 -4.98 20.32 7.73
CA GLY C 232 -6.44 20.27 7.86
C GLY C 232 -7.05 18.88 7.81
N MET C 233 -8.34 18.83 8.09
CA MET C 233 -9.12 17.58 8.13
C MET C 233 -9.49 17.24 6.66
N GLY C 234 -9.35 15.98 6.24
CA GLY C 234 -9.62 15.61 4.85
C GLY C 234 -8.84 16.46 3.88
N ASN C 235 -9.53 16.99 2.90
CA ASN C 235 -8.95 17.87 1.86
C ASN C 235 -8.76 19.28 2.44
N GLY C 236 -7.87 19.38 3.41
CA GLY C 236 -7.39 20.67 3.95
C GLY C 236 -8.46 21.48 4.64
N ASN C 237 -9.49 20.86 5.24
CA ASN C 237 -10.64 21.61 5.81
C ASN C 237 -10.33 22.06 7.23
N PRO C 238 -10.58 23.32 7.58
CA PRO C 238 -10.49 23.78 8.95
C PRO C 238 -11.83 23.66 9.69
N PHE C 239 -11.73 23.77 11.00
CA PHE C 239 -12.86 23.95 11.92
C PHE C 239 -13.18 25.45 11.86
N PRO C 240 -14.46 25.87 11.89
CA PRO C 240 -14.81 27.30 11.73
C PRO C 240 -14.08 28.30 12.66
N LEU C 241 -14.00 28.04 13.96
CA LEU C 241 -13.24 28.96 14.88
C LEU C 241 -11.80 29.07 14.41
N THR C 242 -11.15 27.98 14.00
CA THR C 242 -9.75 28.04 13.49
C THR C 242 -9.68 28.85 12.18
N GLN C 243 -10.62 28.61 11.29
CA GLN C 243 -10.65 29.29 9.97
C GLN C 243 -10.70 30.80 10.22
N ASN C 244 -11.52 31.22 11.17
CA ASN C 244 -11.70 32.68 11.45
C ASN C 244 -10.36 33.26 11.86
N ALA C 245 -9.63 32.56 12.70
CA ALA C 245 -8.33 33.04 13.19
C ALA C 245 -7.34 33.03 12.02
N LEU C 246 -7.38 32.01 11.15
CA LEU C 246 -6.48 31.93 9.98
C LEU C 246 -6.77 33.11 9.05
N GLU C 247 -8.05 33.43 8.85
CA GLU C 247 -8.46 34.58 7.99
C GLU C 247 -7.84 35.86 8.59
N LYS C 248 -7.89 36.02 9.91
CA LYS C 248 -7.29 37.23 10.57
C LYS C 248 -5.78 37.21 10.35
N ALA C 249 -5.13 36.07 10.52
CA ALA C 249 -3.68 35.91 10.27
C ALA C 249 -3.32 36.32 8.84
N ALA C 250 -4.03 35.84 7.83
CA ALA C 250 -3.78 36.14 6.39
C ALA C 250 -3.98 37.64 6.16
N LYS C 251 -5.02 38.21 6.75
CA LYS C 251 -5.30 39.65 6.58
C LYS C 251 -4.12 40.47 7.08
N SER C 252 -3.49 40.04 8.18
CA SER C 252 -2.36 40.74 8.84
C SER C 252 -1.07 40.58 8.03
N GLY C 253 -1.05 39.73 7.01
CA GLY C 253 0.12 39.51 6.13
C GLY C 253 0.91 38.25 6.46
N VAL C 254 0.42 37.40 7.37
CA VAL C 254 1.06 36.08 7.66
C VAL C 254 0.48 35.13 6.63
N VAL C 255 1.30 34.37 5.91
CA VAL C 255 0.79 33.57 4.79
C VAL C 255 0.23 32.29 5.41
N VAL C 256 -1.00 32.00 5.07
CA VAL C 256 -1.66 30.75 5.50
C VAL C 256 -1.72 29.82 4.30
N ALA C 257 -1.13 28.65 4.46
CA ALA C 257 -1.07 27.59 3.42
C ALA C 257 -1.75 26.33 3.96
N ARG C 258 -2.77 25.86 3.25
CA ARG C 258 -3.58 24.70 3.65
C ARG C 258 -2.89 23.43 3.13
N SER C 259 -2.62 22.53 4.06
CA SER C 259 -2.21 21.15 3.77
C SER C 259 -3.23 20.26 4.48
N SER C 260 -2.87 19.01 4.68
CA SER C 260 -3.80 18.02 5.24
C SER C 260 -3.04 17.17 6.24
N ARG C 261 -3.76 16.72 7.25
CA ARG C 261 -3.25 15.72 8.20
C ARG C 261 -3.32 14.30 7.67
N VAL C 262 -4.01 14.03 6.57
CA VAL C 262 -4.40 12.64 6.20
C VAL C 262 -3.23 11.77 5.73
N GLY C 263 -2.19 12.32 5.07
CA GLY C 263 -0.99 11.53 4.72
C GLY C 263 -0.69 11.48 3.24
N SER C 264 -1.72 11.55 2.39
CA SER C 264 -1.53 11.47 0.93
C SER C 264 -2.59 12.28 0.22
N GLY C 265 -2.31 12.56 -1.06
CA GLY C 265 -3.22 13.29 -1.93
C GLY C 265 -2.96 14.77 -1.94
N SER C 266 -3.69 15.47 -2.77
CA SER C 266 -3.47 16.92 -2.96
C SER C 266 -4.43 17.69 -2.08
N THR C 267 -3.95 18.75 -1.42
CA THR C 267 -4.86 19.71 -0.77
C THR C 267 -5.27 20.72 -1.83
N THR C 268 -6.42 20.49 -2.45
CA THR C 268 -6.69 21.12 -3.76
C THR C 268 -7.27 22.54 -3.64
N GLN C 269 -7.11 23.30 -4.73
CA GLN C 269 -7.87 24.54 -4.94
C GLN C 269 -9.31 24.22 -5.35
N GLU C 270 -10.28 25.11 -5.08
CA GLU C 270 -11.66 25.06 -5.63
C GLU C 270 -12.39 23.79 -5.18
N ALA C 271 -12.15 23.39 -3.93
CA ALA C 271 -12.91 22.35 -3.20
C ALA C 271 -13.83 23.07 -2.22
N GLU C 272 -13.71 22.84 -0.91
CA GLU C 272 -14.71 23.33 0.05
C GLU C 272 -14.29 24.69 0.60
N VAL C 273 -13.00 25.06 0.49
CA VAL C 273 -12.46 26.34 1.04
C VAL C 273 -12.25 27.32 -0.10
N ASP C 274 -12.85 28.51 0.02
CA ASP C 274 -12.66 29.62 -0.96
C ASP C 274 -11.35 30.35 -0.61
N ASP C 275 -10.23 29.81 -1.05
CA ASP C 275 -8.86 30.31 -0.73
C ASP C 275 -8.72 31.79 -1.16
N LYS C 276 -9.29 32.14 -2.30
CA LYS C 276 -9.10 33.52 -2.83
C LYS C 276 -9.85 34.49 -1.93
N LYS C 277 -11.11 34.19 -1.57
CA LYS C 277 -11.89 35.06 -0.65
C LYS C 277 -11.21 35.12 0.73
N LEU C 278 -10.66 34.00 1.23
CA LEU C 278 -10.07 33.95 2.59
C LEU C 278 -8.62 34.40 2.62
N GLY C 279 -7.94 34.51 1.47
CA GLY C 279 -6.53 34.93 1.39
C GLY C 279 -5.55 33.79 1.65
N PHE C 280 -5.96 32.54 1.41
CA PHE C 280 -5.10 31.38 1.68
C PHE C 280 -4.41 30.89 0.41
N VAL C 281 -3.40 30.04 0.60
CA VAL C 281 -2.68 29.27 -0.47
C VAL C 281 -3.03 27.80 -0.25
N ALA C 282 -3.35 27.08 -1.32
CA ALA C 282 -3.54 25.61 -1.29
C ALA C 282 -2.20 24.97 -1.63
N THR C 283 -1.66 24.09 -0.77
CA THR C 283 -0.33 23.47 -0.98
C THR C 283 -0.36 22.31 -1.98
N GLU C 284 -1.54 21.83 -2.39
CA GLU C 284 -1.68 20.80 -3.45
C GLU C 284 -0.92 19.55 -3.00
N SER C 285 -0.07 18.97 -3.84
CA SER C 285 0.41 17.59 -3.58
C SER C 285 1.73 17.59 -2.80
N LEU C 286 1.66 17.99 -1.53
CA LEU C 286 2.81 17.87 -0.60
C LEU C 286 2.34 17.20 0.70
N ASN C 287 2.98 17.48 1.81
CA ASN C 287 2.47 17.12 3.15
C ASN C 287 2.80 18.34 3.98
N PRO C 288 2.31 18.43 5.23
CA PRO C 288 2.50 19.64 5.99
C PRO C 288 3.97 20.03 6.21
N GLN C 289 4.79 19.05 6.52
CA GLN C 289 6.21 19.35 6.87
C GLN C 289 6.97 19.78 5.60
N LYS C 290 6.71 19.20 4.41
CA LYS C 290 7.43 19.67 3.21
C LYS C 290 6.80 20.98 2.74
N ALA C 291 5.50 21.16 2.94
CA ALA C 291 4.84 22.43 2.61
C ALA C 291 5.46 23.53 3.47
N ARG C 292 5.78 23.22 4.75
CA ARG C 292 6.51 24.20 5.57
C ARG C 292 7.83 24.63 4.90
N VAL C 293 8.61 23.68 4.41
CA VAL C 293 9.93 24.01 3.81
C VAL C 293 9.68 24.92 2.60
N LEU C 294 8.72 24.55 1.73
CA LEU C 294 8.52 25.36 0.51
C LEU C 294 8.02 26.76 0.88
N LEU C 295 7.18 26.87 1.90
CA LEU C 295 6.68 28.19 2.34
C LEU C 295 7.82 29.02 2.94
N MET C 296 8.70 28.42 3.71
CA MET C 296 9.85 29.15 4.26
C MET C 296 10.67 29.71 3.08
N LEU C 297 10.95 28.90 2.07
CA LEU C 297 11.74 29.37 0.88
C LEU C 297 10.93 30.41 0.11
N ALA C 298 9.63 30.22 -0.10
CA ALA C 298 8.80 31.24 -0.78
C ALA C 298 8.97 32.58 -0.05
N LEU C 299 8.96 32.54 1.28
CA LEU C 299 8.93 33.78 2.09
C LEU C 299 10.29 34.49 2.03
N THR C 300 11.34 33.84 1.53
CA THR C 300 12.64 34.54 1.38
C THR C 300 12.51 35.46 0.16
N LYS C 301 11.50 35.29 -0.70
CA LYS C 301 11.39 36.30 -1.77
C LYS C 301 10.06 37.04 -1.83
N THR C 302 8.98 36.56 -1.20
CA THR C 302 7.66 37.23 -1.35
C THR C 302 6.71 36.82 -0.23
N SER C 303 5.73 37.65 0.09
CA SER C 303 4.64 37.23 1.00
C SER C 303 3.32 37.27 0.24
N ASP C 304 3.38 37.39 -1.09
CA ASP C 304 2.21 37.69 -1.93
C ASP C 304 1.45 36.38 -2.16
N ARG C 305 0.14 36.37 -1.93
CA ARG C 305 -0.68 35.14 -2.00
C ARG C 305 -0.58 34.52 -3.40
N GLU C 306 -0.82 35.30 -4.45
CA GLU C 306 -0.80 34.79 -5.84
C GLU C 306 0.59 34.24 -6.15
N ALA C 307 1.65 34.92 -5.75
CA ALA C 307 3.02 34.50 -6.09
C ALA C 307 3.34 33.19 -5.34
N ILE C 308 2.92 33.09 -4.08
CA ILE C 308 3.17 31.84 -3.30
C ILE C 308 2.29 30.71 -3.83
N GLN C 309 1.05 30.97 -4.24
CA GLN C 309 0.22 29.93 -4.90
C GLN C 309 0.92 29.42 -6.17
N LYS C 310 1.54 30.32 -6.96
CA LYS C 310 2.26 29.88 -8.19
C LYS C 310 3.45 29.00 -7.77
N ILE C 311 4.15 29.35 -6.69
CA ILE C 311 5.27 28.50 -6.19
C ILE C 311 4.73 27.11 -5.85
N PHE C 312 3.66 27.02 -5.08
CA PHE C 312 3.13 25.69 -4.70
C PHE C 312 2.62 24.94 -5.93
N SER C 313 2.12 25.63 -6.94
CA SER C 313 1.59 25.00 -8.18
C SER C 313 2.70 24.70 -9.18
N THR C 314 3.94 25.05 -8.90
CA THR C 314 5.12 24.76 -9.77
C THR C 314 6.03 23.70 -9.15
N TYR C 315 6.47 23.90 -7.89
CA TYR C 315 7.53 23.07 -7.30
C TYR C 315 6.95 21.79 -6.65
N LYS D 1 -11.84 23.58 -30.51
CA LYS D 1 -11.89 22.37 -29.64
C LYS D 1 -11.03 21.28 -30.26
N PRO D 2 -10.19 20.59 -29.45
CA PRO D 2 -9.43 19.46 -29.97
C PRO D 2 -10.33 18.30 -30.41
N GLN D 3 -9.84 17.57 -31.41
CA GLN D 3 -10.46 16.39 -32.07
C GLN D 3 -9.83 15.15 -31.42
N VAL D 4 -10.64 14.27 -30.86
CA VAL D 4 -10.21 13.00 -30.21
C VAL D 4 -11.09 11.91 -30.80
N THR D 5 -10.51 10.75 -31.02
CA THR D 5 -11.26 9.53 -31.38
C THR D 5 -11.28 8.60 -30.17
N ILE D 6 -12.46 8.11 -29.84
CA ILE D 6 -12.61 6.99 -28.87
C ILE D 6 -12.78 5.68 -29.64
N LEU D 7 -11.88 4.75 -29.41
CA LEU D 7 -11.95 3.38 -29.94
C LEU D 7 -12.49 2.49 -28.83
N ALA D 8 -13.67 1.91 -29.03
CA ALA D 8 -14.34 1.05 -28.04
C ALA D 8 -13.99 -0.40 -28.36
N THR D 9 -13.60 -1.17 -27.34
CA THR D 9 -13.21 -2.60 -27.50
C THR D 9 -14.16 -3.50 -26.71
N GLY D 10 -15.02 -2.92 -25.86
CA GLY D 10 -15.86 -3.69 -24.92
C GLY D 10 -15.49 -3.44 -23.46
N GLY D 11 -15.59 -4.48 -22.63
CA GLY D 11 -15.34 -4.32 -21.19
C GLY D 11 -16.58 -3.98 -20.37
N THR D 12 -16.40 -4.03 -19.05
CA THR D 12 -17.49 -3.74 -18.10
C THR D 12 -17.92 -2.27 -18.26
N ILE D 13 -17.04 -1.39 -18.74
CA ILE D 13 -17.40 0.04 -18.92
C ILE D 13 -18.61 0.16 -19.85
N ALA D 14 -18.73 -0.76 -20.80
CA ALA D 14 -19.75 -0.76 -21.86
C ALA D 14 -20.80 -1.81 -21.54
N GLY D 15 -20.84 -2.35 -20.31
CA GLY D 15 -21.84 -3.34 -19.88
C GLY D 15 -23.10 -2.69 -19.29
N SER D 16 -24.24 -3.36 -19.36
CA SER D 16 -25.47 -2.97 -18.62
C SER D 16 -26.13 -4.21 -18.01
N GLY D 17 -26.35 -4.24 -16.69
CA GLY D 17 -27.15 -5.27 -15.97
C GLY D 17 -28.62 -4.91 -15.84
N ALA D 18 -24.58 -4.76 -23.95
CA ALA D 18 -23.48 -3.89 -24.39
C ALA D 18 -24.06 -2.53 -24.85
N VAL D 19 -23.41 -1.45 -24.42
CA VAL D 19 -23.77 -0.04 -24.69
C VAL D 19 -22.85 0.48 -25.80
N THR D 20 -23.33 1.42 -26.63
CA THR D 20 -22.56 2.00 -27.77
C THR D 20 -21.71 3.14 -27.24
N VAL D 21 -20.79 3.63 -28.08
CA VAL D 21 -19.84 4.71 -27.72
C VAL D 21 -20.63 6.01 -27.55
N ASP D 22 -21.59 6.30 -28.46
CA ASP D 22 -22.48 7.48 -28.37
C ASP D 22 -23.28 7.41 -27.07
N LYS D 23 -23.80 6.23 -26.71
CA LYS D 23 -24.56 6.04 -25.45
C LYS D 23 -23.65 6.20 -24.21
N LEU D 24 -22.39 5.75 -24.25
CA LEU D 24 -21.38 6.04 -23.17
C LEU D 24 -21.15 7.55 -23.05
N LEU D 25 -20.92 8.26 -24.17
CA LEU D 25 -20.77 9.74 -24.15
C LEU D 25 -22.03 10.37 -23.56
N ALA D 26 -23.22 9.93 -24.01
CA ALA D 26 -24.53 10.53 -23.62
C ALA D 26 -24.76 10.39 -22.11
N ALA D 27 -24.08 9.44 -21.44
CA ALA D 27 -24.17 9.28 -19.96
C ALA D 27 -23.29 10.31 -19.25
N VAL D 28 -22.37 10.98 -19.99
CA VAL D 28 -21.39 12.00 -19.50
C VAL D 28 -21.41 13.15 -20.50
N PRO D 29 -22.52 13.94 -20.63
CA PRO D 29 -22.71 14.82 -21.78
C PRO D 29 -21.71 16.00 -21.77
N ALA D 30 -21.39 16.48 -20.56
CA ALA D 30 -20.30 17.40 -20.19
C ALA D 30 -19.05 17.17 -21.05
N ILE D 31 -18.80 15.92 -21.41
CA ILE D 31 -17.60 15.49 -22.16
C ILE D 31 -17.47 16.25 -23.48
N ASN D 32 -18.59 16.60 -24.11
CA ASN D 32 -18.58 17.15 -25.50
C ASN D 32 -18.06 18.60 -25.52
N ASP D 33 -18.07 19.29 -24.38
CA ASP D 33 -17.54 20.67 -24.23
C ASP D 33 -16.01 20.63 -24.19
N LEU D 34 -15.40 19.47 -23.92
CA LEU D 34 -13.91 19.39 -23.77
C LEU D 34 -13.30 19.18 -25.15
N ALA D 35 -14.00 18.47 -26.02
CA ALA D 35 -13.41 17.98 -27.27
C ALA D 35 -14.50 17.66 -28.29
N THR D 36 -14.12 17.68 -29.55
CA THR D 36 -14.92 17.13 -30.67
C THR D 36 -14.60 15.64 -30.71
N ILE D 37 -15.57 14.80 -30.32
CA ILE D 37 -15.34 13.35 -30.07
C ILE D 37 -15.95 12.57 -31.22
N LYS D 38 -15.19 11.67 -31.83
CA LYS D 38 -15.69 10.63 -32.78
C LYS D 38 -15.56 9.29 -32.07
N GLY D 39 -16.58 8.45 -32.13
CA GLY D 39 -16.53 7.09 -31.55
C GLY D 39 -16.42 6.07 -32.66
N GLU D 40 -15.68 4.98 -32.43
CA GLU D 40 -15.57 3.90 -33.43
C GLU D 40 -15.46 2.57 -32.67
N GLN D 41 -16.31 1.60 -32.98
CA GLN D 41 -16.35 0.28 -32.30
C GLN D 41 -15.37 -0.67 -33.02
N ILE D 42 -14.22 -0.96 -32.41
CA ILE D 42 -13.14 -1.85 -32.91
C ILE D 42 -13.49 -3.30 -32.60
N SER D 43 -13.99 -3.53 -31.41
CA SER D 43 -14.37 -4.87 -30.90
C SER D 43 -15.46 -4.67 -29.86
N SER D 44 -16.12 -5.75 -29.47
CA SER D 44 -17.15 -5.70 -28.41
C SER D 44 -17.04 -6.97 -27.55
N ILE D 45 -15.97 -7.06 -26.75
CA ILE D 45 -15.61 -8.33 -26.05
C ILE D 45 -15.20 -7.95 -24.64
N GLY D 46 -15.48 -8.83 -23.68
CA GLY D 46 -14.71 -8.83 -22.43
C GLY D 46 -13.22 -8.86 -22.70
N SER D 47 -12.40 -8.13 -21.94
CA SER D 47 -10.96 -8.10 -22.26
C SER D 47 -10.31 -9.46 -21.99
N GLN D 48 -11.01 -10.35 -21.28
CA GLN D 48 -10.52 -11.72 -21.03
C GLN D 48 -10.58 -12.49 -22.37
N GLU D 49 -11.25 -11.94 -23.39
CA GLU D 49 -11.30 -12.62 -24.72
C GLU D 49 -10.34 -11.96 -25.69
N MET D 50 -9.50 -11.01 -25.26
CA MET D 50 -8.57 -10.32 -26.19
C MET D 50 -7.66 -11.35 -26.87
N THR D 51 -7.21 -11.06 -28.08
CA THR D 51 -6.25 -11.87 -28.87
C THR D 51 -5.22 -10.94 -29.50
N GLY D 52 -4.07 -11.49 -29.91
CA GLY D 52 -3.07 -10.77 -30.72
C GLY D 52 -3.68 -10.17 -31.98
N LYS D 53 -4.65 -10.84 -32.59
CA LYS D 53 -5.35 -10.33 -33.80
C LYS D 53 -5.95 -8.94 -33.52
N VAL D 54 -6.67 -8.83 -32.39
CA VAL D 54 -7.36 -7.58 -32.03
C VAL D 54 -6.29 -6.56 -31.68
N TRP D 55 -5.26 -6.92 -30.92
CA TRP D 55 -4.15 -5.98 -30.58
C TRP D 55 -3.56 -5.33 -31.85
N LEU D 56 -3.26 -6.14 -32.85
CA LEU D 56 -2.68 -5.66 -34.13
C LEU D 56 -3.66 -4.69 -34.80
N LYS D 57 -4.93 -5.05 -34.89
CA LYS D 57 -5.96 -4.19 -35.53
C LYS D 57 -6.04 -2.85 -34.79
N LEU D 58 -6.00 -2.91 -33.47
CA LEU D 58 -6.09 -1.71 -32.62
C LEU D 58 -4.85 -0.83 -32.84
N ALA D 59 -3.66 -1.39 -32.75
CA ALA D 59 -2.37 -0.66 -32.87
C ALA D 59 -2.30 0.01 -34.24
N LYS D 60 -2.68 -0.72 -35.29
CA LYS D 60 -2.60 -0.15 -36.67
C LYS D 60 -3.65 0.96 -36.81
N ARG D 61 -4.83 0.81 -36.21
CA ARG D 61 -5.84 1.90 -36.24
C ARG D 61 -5.36 3.13 -35.44
N VAL D 62 -4.80 2.93 -34.26
CA VAL D 62 -4.25 4.07 -33.48
C VAL D 62 -3.19 4.80 -34.32
N ASN D 63 -2.26 4.07 -34.94
CA ASN D 63 -1.15 4.68 -35.76
C ASN D 63 -1.78 5.47 -36.93
N GLU D 64 -2.78 4.91 -37.59
CA GLU D 64 -3.49 5.65 -38.68
C GLU D 64 -4.11 6.94 -38.14
N LEU D 65 -4.79 6.89 -36.98
CA LEU D 65 -5.50 8.06 -36.41
C LEU D 65 -4.49 9.13 -36.02
N LEU D 66 -3.45 8.75 -35.31
CA LEU D 66 -2.49 9.76 -34.77
C LEU D 66 -1.67 10.33 -35.92
N ALA D 67 -1.59 9.65 -37.06
CA ALA D 67 -0.85 10.19 -38.24
C ALA D 67 -1.64 11.34 -38.84
N GLN D 68 -2.93 11.47 -38.51
CA GLN D 68 -3.84 12.51 -39.08
C GLN D 68 -3.55 13.83 -38.37
N LYS D 69 -3.31 14.90 -39.14
CA LYS D 69 -2.93 16.22 -38.61
C LYS D 69 -3.98 16.73 -37.61
N GLU D 70 -5.25 16.47 -37.88
CA GLU D 70 -6.39 17.04 -37.11
C GLU D 70 -6.62 16.26 -35.80
N THR D 71 -6.14 15.02 -35.71
CA THR D 71 -6.42 14.12 -34.56
C THR D 71 -5.36 14.34 -33.47
N GLU D 72 -5.80 14.79 -32.31
CA GLU D 72 -4.90 15.19 -31.22
C GLU D 72 -4.61 14.00 -30.29
N ALA D 73 -5.53 13.08 -30.14
CA ALA D 73 -5.35 11.95 -29.17
C ALA D 73 -6.32 10.84 -29.46
N VAL D 74 -6.02 9.64 -28.96
CA VAL D 74 -7.01 8.53 -29.01
C VAL D 74 -7.27 8.06 -27.58
N ILE D 75 -8.52 7.75 -27.30
CA ILE D 75 -8.93 7.10 -26.04
C ILE D 75 -9.47 5.73 -26.41
N ILE D 76 -9.12 4.73 -25.61
CA ILE D 76 -9.56 3.35 -25.88
C ILE D 76 -10.35 2.89 -24.67
N THR D 77 -11.61 2.57 -24.87
CA THR D 77 -12.44 2.03 -23.77
C THR D 77 -12.25 0.52 -23.82
N HIS D 78 -12.06 -0.13 -22.67
CA HIS D 78 -11.46 -1.48 -22.62
C HIS D 78 -11.88 -2.13 -21.33
N GLY D 79 -11.96 -3.45 -21.36
CA GLY D 79 -12.07 -4.26 -20.14
C GLY D 79 -10.86 -4.01 -19.25
N THR D 80 -11.06 -4.13 -17.94
CA THR D 80 -9.99 -3.84 -16.97
C THR D 80 -9.11 -5.09 -16.82
N ASP D 81 -9.61 -6.27 -17.17
CA ASP D 81 -8.86 -7.54 -16.90
C ASP D 81 -7.52 -7.58 -17.61
N THR D 82 -7.43 -7.11 -18.86
CA THR D 82 -6.20 -7.22 -19.71
C THR D 82 -5.83 -5.88 -20.29
N MET D 83 -6.38 -4.81 -19.71
CA MET D 83 -6.05 -3.45 -20.12
C MET D 83 -4.53 -3.25 -20.01
N GLU D 84 -3.87 -3.84 -18.99
CA GLU D 84 -2.41 -3.61 -18.83
C GLU D 84 -1.62 -4.20 -20.01
N GLU D 85 -2.09 -5.32 -20.57
CA GLU D 85 -1.41 -5.97 -21.71
C GLU D 85 -1.64 -5.13 -22.97
N THR D 86 -2.88 -4.76 -23.27
CA THR D 86 -3.16 -3.89 -24.44
C THR D 86 -2.35 -2.59 -24.32
N ALA D 87 -2.37 -1.96 -23.16
CA ALA D 87 -1.68 -0.67 -23.00
C ALA D 87 -0.19 -0.84 -23.23
N PHE D 88 0.41 -1.90 -22.71
CA PHE D 88 1.87 -2.14 -22.83
C PHE D 88 2.19 -2.39 -24.29
N PHE D 89 1.39 -3.23 -24.96
CA PHE D 89 1.57 -3.48 -26.42
C PHE D 89 1.59 -2.17 -27.21
N LEU D 90 0.61 -1.30 -26.98
CA LEU D 90 0.48 -0.01 -27.70
C LEU D 90 1.66 0.88 -27.31
N ASN D 91 2.09 0.82 -26.05
CA ASN D 91 3.23 1.64 -25.58
C ASN D 91 4.44 1.36 -26.44
N LEU D 92 4.56 0.15 -27.02
CA LEU D 92 5.79 -0.23 -27.76
C LEU D 92 5.50 -0.23 -29.26
N THR D 93 4.25 -0.01 -29.71
CA THR D 93 3.91 -0.12 -31.16
C THR D 93 3.31 1.17 -31.72
N VAL D 94 2.93 2.13 -30.89
CA VAL D 94 2.36 3.42 -31.36
C VAL D 94 3.50 4.36 -31.67
N LYS D 95 3.61 4.76 -32.94
CA LYS D 95 4.76 5.53 -33.43
C LYS D 95 4.38 7.01 -33.45
N SER D 96 4.08 7.57 -32.28
CA SER D 96 3.54 8.94 -32.11
C SER D 96 3.82 9.38 -30.68
N GLN D 97 3.94 10.69 -30.45
CA GLN D 97 4.04 11.27 -29.10
C GLN D 97 2.65 11.74 -28.70
N LYS D 98 1.65 11.61 -29.56
CA LYS D 98 0.31 12.12 -29.22
C LYS D 98 -0.29 11.20 -28.16
N PRO D 99 -1.09 11.72 -27.21
CA PRO D 99 -1.65 10.88 -26.16
C PRO D 99 -2.57 9.75 -26.62
N VAL D 100 -2.35 8.61 -25.96
CA VAL D 100 -3.17 7.39 -26.07
C VAL D 100 -3.56 7.01 -24.65
N VAL D 101 -4.86 7.01 -24.40
CA VAL D 101 -5.41 6.78 -23.04
C VAL D 101 -6.30 5.56 -23.05
N LEU D 102 -6.06 4.60 -22.17
CA LEU D 102 -6.96 3.46 -21.95
C LEU D 102 -7.74 3.66 -20.67
N VAL D 103 -9.00 3.31 -20.74
CA VAL D 103 -9.94 3.56 -19.64
C VAL D 103 -10.99 2.48 -19.61
N GLY D 104 -11.38 2.12 -18.41
CA GLY D 104 -12.42 1.11 -18.20
C GLY D 104 -13.22 1.41 -16.98
N ALA D 105 -13.91 0.42 -16.48
CA ALA D 105 -14.75 0.59 -15.29
C ALA D 105 -14.88 -0.77 -14.66
N MET D 106 -14.81 -0.81 -13.34
CA MET D 106 -14.92 -2.07 -12.61
C MET D 106 -16.40 -2.41 -12.34
N ARG D 107 -17.30 -1.42 -12.44
CA ARG D 107 -18.75 -1.63 -12.26
C ARG D 107 -19.44 -1.31 -13.56
N PRO D 108 -20.49 -2.03 -13.97
CA PRO D 108 -21.14 -1.69 -15.23
C PRO D 108 -21.91 -0.36 -15.09
N GLY D 109 -22.25 0.26 -16.23
CA GLY D 109 -22.99 1.52 -16.32
C GLY D 109 -24.29 1.56 -15.55
N SER D 110 -24.94 0.42 -15.30
CA SER D 110 -26.25 0.23 -14.66
C SER D 110 -26.11 0.20 -13.13
N SER D 111 -24.88 0.03 -12.65
CA SER D 111 -24.61 -0.21 -11.22
C SER D 111 -24.87 1.06 -10.44
N MET D 112 -25.31 0.92 -9.20
CA MET D 112 -25.12 1.98 -8.20
C MET D 112 -23.67 2.44 -8.24
N SER D 113 -23.41 3.74 -8.19
CA SER D 113 -22.02 4.25 -8.07
C SER D 113 -21.13 3.70 -9.20
N ALA D 114 -21.66 3.57 -10.41
CA ALA D 114 -20.86 3.17 -11.57
C ALA D 114 -19.65 4.08 -11.70
N ASP D 115 -18.45 3.52 -11.88
CA ASP D 115 -17.18 4.30 -11.93
C ASP D 115 -16.90 4.77 -13.36
N GLY D 116 -17.60 4.21 -14.36
CA GLY D 116 -17.26 4.49 -15.78
C GLY D 116 -17.43 5.95 -16.17
N PRO D 117 -18.56 6.63 -15.87
CA PRO D 117 -18.72 8.04 -16.26
C PRO D 117 -17.55 8.95 -15.84
N MET D 118 -17.19 8.94 -14.57
CA MET D 118 -16.06 9.79 -14.12
C MET D 118 -14.75 9.33 -14.75
N ASN D 119 -14.49 8.03 -14.87
CA ASN D 119 -13.27 7.52 -15.49
C ASN D 119 -13.21 8.04 -16.93
N LEU D 120 -14.34 7.99 -17.65
CA LEU D 120 -14.31 8.44 -19.07
C LEU D 120 -14.10 9.96 -19.17
N TYR D 121 -14.76 10.75 -18.34
CA TYR D 121 -14.61 12.22 -18.28
C TYR D 121 -13.16 12.56 -18.03
N ASN D 122 -12.56 11.89 -17.07
CA ASN D 122 -11.14 12.15 -16.70
C ASN D 122 -10.24 11.74 -17.84
N ALA D 123 -10.52 10.59 -18.50
CA ALA D 123 -9.72 10.09 -19.62
C ALA D 123 -9.73 11.16 -20.73
N VAL D 124 -10.87 11.76 -21.03
CA VAL D 124 -10.88 12.82 -22.08
C VAL D 124 -9.96 13.97 -21.67
N ASN D 125 -10.07 14.44 -20.43
CA ASN D 125 -9.26 15.57 -19.93
C ASN D 125 -7.78 15.26 -20.03
N VAL D 126 -7.36 14.05 -19.67
CA VAL D 126 -5.95 13.62 -19.81
C VAL D 126 -5.56 13.64 -21.29
N ALA D 127 -6.41 13.08 -22.15
CA ALA D 127 -6.11 12.96 -23.59
C ALA D 127 -5.84 14.33 -24.23
N ILE D 128 -6.54 15.38 -23.83
CA ILE D 128 -6.41 16.70 -24.50
C ILE D 128 -5.37 17.56 -23.76
N ASN D 129 -4.79 17.06 -22.68
CA ASN D 129 -3.88 17.91 -21.85
C ASN D 129 -2.53 18.01 -22.54
N LYS D 130 -1.99 19.22 -22.68
CA LYS D 130 -0.70 19.44 -23.36
C LYS D 130 0.42 18.63 -22.72
N ALA D 131 0.39 18.49 -21.39
CA ALA D 131 1.47 17.79 -20.66
C ALA D 131 1.40 16.27 -20.92
N SER D 132 0.31 15.74 -21.48
CA SER D 132 0.19 14.29 -21.77
C SER D 132 1.06 13.89 -22.99
N THR D 133 1.43 14.85 -23.85
CA THR D 133 2.29 14.53 -25.01
C THR D 133 3.60 13.88 -24.53
N ASN D 134 4.01 12.82 -25.21
CA ASN D 134 5.28 12.07 -25.04
C ASN D 134 5.35 11.45 -23.64
N LYS D 135 4.20 11.28 -22.98
CA LYS D 135 4.16 10.53 -21.68
C LYS D 135 4.11 9.04 -21.94
N GLY D 136 3.93 8.64 -23.20
CA GLY D 136 3.68 7.23 -23.49
C GLY D 136 2.22 6.90 -23.32
N VAL D 137 1.82 5.67 -23.62
CA VAL D 137 0.44 5.21 -23.43
C VAL D 137 0.15 5.16 -21.93
N VAL D 138 -0.98 5.67 -21.54
CA VAL D 138 -1.35 5.73 -20.11
C VAL D 138 -2.67 5.01 -19.90
N ILE D 139 -2.83 4.49 -18.69
CA ILE D 139 -4.13 4.01 -18.22
C ILE D 139 -4.60 5.09 -17.26
N VAL D 140 -5.82 5.51 -17.42
CA VAL D 140 -6.45 6.51 -16.53
C VAL D 140 -7.59 5.83 -15.81
N MET D 141 -7.48 5.66 -14.50
CA MET D 141 -8.51 4.97 -13.69
C MET D 141 -8.52 5.59 -12.29
N ASN D 142 -9.69 5.80 -11.75
CA ASN D 142 -9.85 6.18 -10.32
C ASN D 142 -8.99 7.41 -10.02
N ASP D 143 -9.00 8.39 -10.92
CA ASP D 143 -8.39 9.73 -10.70
C ASP D 143 -6.89 9.65 -10.83
N GLU D 144 -6.36 8.56 -11.36
CA GLU D 144 -4.90 8.31 -11.41
C GLU D 144 -4.50 8.10 -12.87
N ILE D 145 -3.33 8.60 -13.21
CA ILE D 145 -2.68 8.37 -14.51
C ILE D 145 -1.52 7.42 -14.27
N HIS D 146 -1.55 6.26 -14.92
CA HIS D 146 -0.53 5.22 -14.77
C HIS D 146 0.19 5.06 -16.12
N ALA D 147 1.51 5.06 -16.09
CA ALA D 147 2.36 4.73 -17.24
C ALA D 147 2.09 3.29 -17.66
N ALA D 148 1.88 3.01 -18.94
CA ALA D 148 1.57 1.64 -19.38
C ALA D 148 2.64 0.64 -19.00
N ARG D 149 3.92 1.03 -18.95
CA ARG D 149 4.99 0.09 -18.60
C ARG D 149 4.72 -0.45 -17.20
N GLU D 150 4.26 0.43 -16.32
CA GLU D 150 4.25 0.15 -14.87
C GLU D 150 2.90 -0.34 -14.37
N ALA D 151 1.81 -0.07 -15.08
CA ALA D 151 0.43 -0.35 -14.61
C ALA D 151 0.10 -1.84 -14.51
N THR D 152 -0.70 -2.17 -13.52
CA THR D 152 -1.29 -3.52 -13.41
C THR D 152 -2.63 -3.47 -12.68
N LYS D 153 -3.53 -4.38 -13.01
CA LYS D 153 -4.70 -4.62 -12.15
C LYS D 153 -4.25 -5.51 -11.02
N LEU D 154 -4.34 -5.00 -9.79
CA LEU D 154 -3.83 -5.72 -8.59
C LEU D 154 -4.94 -6.22 -7.67
N ASN D 155 -6.21 -6.02 -8.04
CA ASN D 155 -7.33 -6.46 -7.19
C ASN D 155 -8.41 -6.99 -8.14
N THR D 156 -9.20 -7.94 -7.66
CA THR D 156 -10.22 -8.62 -8.48
C THR D 156 -11.40 -7.70 -8.69
N THR D 157 -11.77 -6.86 -7.74
CA THR D 157 -13.10 -6.20 -7.77
C THR D 157 -13.09 -4.68 -7.50
N ALA D 158 -12.07 -4.15 -6.85
CA ALA D 158 -12.08 -2.77 -6.34
C ALA D 158 -12.06 -1.75 -7.48
N VAL D 159 -12.76 -0.66 -7.29
CA VAL D 159 -12.69 0.45 -8.29
C VAL D 159 -11.25 0.98 -8.33
N ASN D 160 -10.50 0.79 -7.24
CA ASN D 160 -9.10 1.25 -7.15
C ASN D 160 -8.13 0.11 -7.44
N ALA D 161 -8.52 -0.84 -8.28
CA ALA D 161 -7.71 -2.06 -8.55
C ALA D 161 -6.40 -1.72 -9.26
N PHE D 162 -6.33 -0.65 -10.04
CA PHE D 162 -5.09 -0.37 -10.80
C PHE D 162 -4.05 0.24 -9.87
N ALA D 163 -2.81 -0.19 -10.09
CA ALA D 163 -1.63 0.33 -9.36
C ALA D 163 -0.44 0.27 -10.32
N SER D 164 0.66 0.90 -9.90
CA SER D 164 1.98 0.77 -10.53
C SER D 164 2.93 0.37 -9.43
N PRO D 165 2.99 -0.94 -9.08
CA PRO D 165 3.60 -1.33 -7.81
C PRO D 165 5.09 -0.98 -7.71
N ASN D 166 5.77 -0.90 -8.86
CA ASN D 166 7.23 -0.63 -8.85
C ASN D 166 7.57 0.86 -8.87
N THR D 167 6.63 1.74 -9.24
CA THR D 167 6.94 3.20 -9.42
C THR D 167 5.85 4.19 -9.02
N GLY D 168 4.61 3.77 -8.94
CA GLY D 168 3.47 4.66 -8.63
C GLY D 168 2.94 5.39 -9.83
N LYS D 169 1.75 5.94 -9.66
CA LYS D 169 1.09 6.75 -10.72
C LYS D 169 2.07 7.86 -11.13
N ILE D 170 1.98 8.30 -12.38
CA ILE D 170 2.85 9.39 -12.87
C ILE D 170 2.10 10.73 -12.73
N GLY D 171 0.79 10.68 -12.57
CA GLY D 171 -0.04 11.88 -12.48
C GLY D 171 -1.43 11.60 -11.90
N THR D 172 -2.17 12.67 -11.77
CA THR D 172 -3.54 12.66 -11.21
C THR D 172 -4.46 13.41 -12.16
N VAL D 173 -5.73 13.06 -12.07
CA VAL D 173 -6.82 13.78 -12.77
C VAL D 173 -8.01 13.79 -11.84
N TYR D 174 -8.37 14.93 -11.32
CA TYR D 174 -9.40 15.07 -10.28
C TYR D 174 -10.43 16.03 -10.84
N TYR D 175 -11.59 15.48 -11.20
CA TYR D 175 -12.68 16.24 -11.86
C TYR D 175 -12.07 16.94 -13.07
N GLY D 176 -11.28 16.24 -13.87
CA GLY D 176 -10.71 16.81 -15.11
C GLY D 176 -9.47 17.67 -14.94
N LYS D 177 -9.04 17.97 -13.71
CA LYS D 177 -7.79 18.76 -13.52
C LYS D 177 -6.59 17.84 -13.53
N VAL D 178 -5.70 18.05 -14.48
CA VAL D 178 -4.66 17.04 -14.85
C VAL D 178 -3.32 17.55 -14.33
N GLU D 179 -2.61 16.76 -13.54
CA GLU D 179 -1.27 17.13 -13.05
C GLU D 179 -0.35 15.94 -13.24
N TYR D 180 0.81 16.12 -13.86
CA TYR D 180 1.87 15.09 -13.85
C TYR D 180 2.93 15.45 -12.82
N PHE D 181 3.45 14.44 -12.14
CA PHE D 181 4.54 14.58 -11.14
C PHE D 181 5.79 13.84 -11.58
N THR D 182 5.66 12.82 -12.42
CA THR D 182 6.80 12.03 -12.89
C THR D 182 6.56 11.62 -14.34
N GLN D 183 7.60 11.09 -14.95
CA GLN D 183 7.47 10.48 -16.29
C GLN D 183 8.37 9.26 -16.32
N SER D 184 8.00 8.28 -17.15
CA SER D 184 8.87 7.12 -17.41
C SER D 184 10.21 7.59 -18.03
N VAL D 185 11.32 6.96 -17.63
CA VAL D 185 12.61 7.19 -18.33
C VAL D 185 12.93 5.95 -19.17
N ARG D 186 11.99 5.02 -19.32
CA ARG D 186 12.22 3.84 -20.20
C ARG D 186 11.61 4.18 -21.54
N PRO D 187 12.31 3.88 -22.65
CA PRO D 187 11.84 4.32 -23.96
C PRO D 187 10.50 3.69 -24.31
N HIS D 188 9.67 4.49 -24.98
CA HIS D 188 8.33 4.10 -25.41
C HIS D 188 7.99 4.76 -26.74
N THR D 189 6.80 4.36 -27.26
CA THR D 189 6.09 4.96 -28.41
C THR D 189 7.09 5.26 -29.52
N LEU D 190 7.26 6.53 -29.87
CA LEU D 190 8.07 6.96 -31.05
C LEU D 190 9.49 6.41 -30.91
N ALA D 191 10.01 6.19 -29.68
CA ALA D 191 11.40 5.78 -29.44
C ALA D 191 11.50 4.25 -29.43
N SER D 192 10.38 3.53 -29.53
CA SER D 192 10.38 2.05 -29.58
C SER D 192 11.00 1.55 -30.89
N GLU D 193 11.84 0.52 -30.83
CA GLU D 193 12.41 -0.16 -32.04
C GLU D 193 11.33 -1.01 -32.75
N PHE D 194 10.20 -1.32 -32.13
CA PHE D 194 9.27 -2.35 -32.66
C PHE D 194 8.34 -1.72 -33.68
N ASP D 195 7.93 -2.51 -34.66
CA ASP D 195 7.02 -2.00 -35.71
C ASP D 195 6.14 -3.17 -36.14
N ILE D 196 4.83 -3.07 -35.93
CA ILE D 196 3.93 -4.23 -36.17
C ILE D 196 3.14 -4.03 -37.46
N SER D 197 3.43 -2.98 -38.22
CA SER D 197 2.64 -2.56 -39.42
C SER D 197 2.47 -3.72 -40.42
N LYS D 198 3.48 -4.58 -40.60
CA LYS D 198 3.49 -5.69 -41.61
C LYS D 198 3.24 -7.05 -40.94
N ILE D 199 2.83 -7.07 -39.66
CA ILE D 199 2.67 -8.33 -38.89
C ILE D 199 1.15 -8.61 -38.82
N GLU D 200 0.77 -9.83 -39.18
CA GLU D 200 -0.64 -10.31 -39.14
C GLU D 200 -0.83 -11.26 -37.95
N GLU D 201 0.23 -11.88 -37.48
CA GLU D 201 0.11 -12.81 -36.32
C GLU D 201 1.31 -12.61 -35.40
N LEU D 202 1.08 -12.51 -34.09
CA LEU D 202 2.20 -12.41 -33.13
C LEU D 202 2.72 -13.79 -32.73
N PRO D 203 4.03 -13.89 -32.43
CA PRO D 203 4.63 -15.12 -31.93
C PRO D 203 3.89 -15.64 -30.70
N ARG D 204 3.72 -16.95 -30.64
CA ARG D 204 3.07 -17.62 -29.50
C ARG D 204 3.99 -17.54 -28.28
N VAL D 205 3.48 -16.99 -27.16
CA VAL D 205 4.26 -17.05 -25.90
C VAL D 205 3.35 -17.57 -24.78
N ASP D 206 3.75 -18.63 -24.14
CA ASP D 206 2.99 -19.19 -22.99
C ASP D 206 3.51 -18.60 -21.67
N ILE D 207 2.70 -18.76 -20.61
CA ILE D 207 3.06 -18.33 -19.22
C ILE D 207 2.79 -19.53 -18.34
N LEU D 208 3.76 -19.81 -17.49
CA LEU D 208 3.69 -20.93 -16.54
C LEU D 208 3.71 -20.36 -15.13
N TYR D 209 2.98 -21.04 -14.24
CA TYR D 209 2.77 -20.61 -12.83
C TYR D 209 3.54 -21.57 -11.93
N ALA D 210 4.64 -21.11 -11.33
CA ALA D 210 5.54 -21.95 -10.53
C ALA D 210 4.98 -22.22 -9.14
N HIS D 211 5.34 -23.35 -8.54
CA HIS D 211 4.90 -23.74 -7.19
C HIS D 211 5.76 -24.91 -6.73
N PRO D 212 5.73 -25.23 -5.42
CA PRO D 212 6.36 -26.46 -4.91
C PRO D 212 5.83 -27.71 -5.62
N ASP D 213 6.72 -28.71 -5.71
CA ASP D 213 6.35 -29.99 -6.37
C ASP D 213 5.87 -29.72 -7.80
N ASP D 214 6.62 -28.91 -8.52
CA ASP D 214 6.27 -28.48 -9.88
C ASP D 214 6.62 -29.55 -10.89
N THR D 215 6.27 -29.26 -12.13
CA THR D 215 6.20 -30.27 -13.20
C THR D 215 7.02 -29.84 -14.42
N ASP D 216 7.30 -30.77 -15.32
CA ASP D 216 7.81 -30.44 -16.68
C ASP D 216 6.73 -30.58 -17.74
N VAL D 217 5.53 -31.05 -17.40
CA VAL D 217 4.55 -31.44 -18.46
C VAL D 217 3.96 -30.19 -19.09
N LEU D 218 3.94 -29.03 -18.40
CA LEU D 218 3.36 -27.82 -19.02
C LEU D 218 4.42 -27.18 -19.93
N VAL D 219 5.70 -27.11 -19.54
CA VAL D 219 6.78 -26.71 -20.48
C VAL D 219 6.64 -27.59 -21.74
N ASN D 220 6.52 -28.90 -21.55
CA ASN D 220 6.50 -29.87 -22.68
C ASN D 220 5.34 -29.59 -23.62
N ALA D 221 4.15 -29.31 -23.07
CA ALA D 221 2.94 -29.04 -23.85
C ALA D 221 3.09 -27.70 -24.59
N ALA D 222 3.64 -26.64 -23.97
CA ALA D 222 3.88 -25.35 -24.64
C ALA D 222 4.81 -25.59 -25.84
N LEU D 223 5.89 -26.37 -25.67
CA LEU D 223 6.88 -26.68 -26.75
C LEU D 223 6.15 -27.39 -27.87
N GLN D 224 5.30 -28.35 -27.52
CA GLN D 224 4.56 -29.21 -28.51
C GLN D 224 3.58 -28.32 -29.27
N ALA D 225 3.06 -27.25 -28.66
CA ALA D 225 2.06 -26.34 -29.27
C ALA D 225 2.77 -25.26 -30.12
N GLY D 226 4.10 -25.28 -30.17
CA GLY D 226 4.94 -24.39 -31.01
C GLY D 226 5.18 -23.02 -30.35
N ALA D 227 5.19 -22.97 -29.02
CA ALA D 227 5.62 -21.74 -28.30
C ALA D 227 6.97 -21.28 -28.87
N LYS D 228 7.09 -19.98 -29.18
CA LYS D 228 8.40 -19.40 -29.59
C LYS D 228 9.06 -18.82 -28.34
N GLY D 229 8.26 -18.59 -27.31
CA GLY D 229 8.73 -18.06 -26.02
C GLY D 229 7.88 -18.58 -24.87
N ILE D 230 8.50 -18.68 -23.71
CA ILE D 230 7.80 -19.04 -22.45
C ILE D 230 8.18 -18.01 -21.39
N ILE D 231 7.18 -17.45 -20.73
CA ILE D 231 7.36 -16.66 -19.47
C ILE D 231 7.16 -17.62 -18.29
N HIS D 232 8.16 -17.72 -17.42
CA HIS D 232 8.05 -18.54 -16.22
C HIS D 232 7.74 -17.59 -15.06
N ALA D 233 6.57 -17.73 -14.48
CA ALA D 233 6.21 -16.91 -13.29
C ALA D 233 6.73 -17.61 -12.06
N GLY D 234 7.97 -17.31 -11.71
CA GLY D 234 8.71 -18.09 -10.74
C GLY D 234 8.37 -17.76 -9.30
N MET D 235 8.92 -18.56 -8.40
CA MET D 235 8.71 -18.42 -6.96
C MET D 235 9.69 -17.35 -6.44
N GLY D 236 9.23 -16.43 -5.59
CA GLY D 236 10.13 -15.32 -5.20
C GLY D 236 10.79 -14.67 -6.40
N ASN D 237 12.11 -14.46 -6.32
CA ASN D 237 12.90 -13.77 -7.37
C ASN D 237 13.11 -14.75 -8.54
N GLY D 238 12.00 -15.11 -9.19
CA GLY D 238 11.97 -15.86 -10.44
C GLY D 238 12.58 -17.23 -10.31
N ASN D 239 12.47 -17.87 -9.16
CA ASN D 239 13.10 -19.20 -8.98
C ASN D 239 12.17 -20.31 -9.48
N PRO D 240 12.72 -21.25 -10.29
CA PRO D 240 12.01 -22.47 -10.66
C PRO D 240 12.24 -23.64 -9.69
N PHE D 241 11.31 -24.57 -9.77
CA PHE D 241 11.44 -25.93 -9.22
C PHE D 241 12.44 -26.69 -10.11
N PRO D 242 13.32 -27.54 -9.54
CA PRO D 242 14.37 -28.18 -10.35
C PRO D 242 13.86 -28.92 -11.60
N LEU D 243 12.83 -29.75 -11.47
CA LEU D 243 12.25 -30.50 -12.63
C LEU D 243 11.83 -29.52 -13.71
N THR D 244 11.19 -28.44 -13.33
CA THR D 244 10.74 -27.42 -14.30
C THR D 244 11.95 -26.75 -14.93
N GLN D 245 12.94 -26.41 -14.12
CA GLN D 245 14.16 -25.75 -14.62
C GLN D 245 14.74 -26.63 -15.73
N ASN D 246 14.83 -27.92 -15.47
CA ASN D 246 15.45 -28.88 -16.46
C ASN D 246 14.70 -28.80 -17.79
N ALA D 247 13.38 -28.79 -17.75
CA ALA D 247 12.49 -28.71 -18.94
C ALA D 247 12.72 -27.35 -19.63
N LEU D 248 12.86 -26.26 -18.86
CA LEU D 248 13.08 -24.92 -19.43
C LEU D 248 14.46 -24.88 -20.10
N GLU D 249 15.44 -25.58 -19.53
CA GLU D 249 16.81 -25.66 -20.12
C GLU D 249 16.72 -26.33 -21.50
N LYS D 250 16.03 -27.44 -21.57
CA LYS D 250 15.80 -28.17 -22.84
C LYS D 250 15.07 -27.24 -23.82
N ALA D 251 14.06 -26.50 -23.34
CA ALA D 251 13.25 -25.61 -24.19
C ALA D 251 14.19 -24.57 -24.81
N ALA D 252 15.05 -23.94 -23.99
CA ALA D 252 15.95 -22.86 -24.44
C ALA D 252 16.97 -23.42 -25.45
N LYS D 253 17.51 -24.61 -25.16
CA LYS D 253 18.48 -25.30 -26.07
C LYS D 253 17.85 -25.48 -27.46
N SER D 254 16.54 -25.74 -27.53
CA SER D 254 15.79 -25.93 -28.80
C SER D 254 15.50 -24.61 -29.51
N GLY D 255 15.78 -23.43 -28.94
CA GLY D 255 15.54 -22.14 -29.59
C GLY D 255 14.23 -21.46 -29.19
N VAL D 256 13.53 -22.00 -28.17
CA VAL D 256 12.33 -21.36 -27.54
C VAL D 256 12.89 -20.47 -26.43
N VAL D 257 12.55 -19.18 -26.47
CA VAL D 257 13.16 -18.22 -25.52
C VAL D 257 12.43 -18.38 -24.20
N VAL D 258 13.20 -18.58 -23.15
CA VAL D 258 12.67 -18.73 -21.76
C VAL D 258 13.02 -17.44 -21.04
N ALA D 259 11.99 -16.73 -20.54
CA ALA D 259 12.20 -15.45 -19.84
C ALA D 259 11.64 -15.63 -18.43
N ARG D 260 12.44 -15.36 -17.42
CA ARG D 260 12.08 -15.54 -16.01
C ARG D 260 11.39 -14.27 -15.50
N SER D 261 10.18 -14.43 -14.98
CA SER D 261 9.43 -13.41 -14.21
C SER D 261 9.08 -14.05 -12.86
N SER D 262 8.13 -13.45 -12.15
CA SER D 262 7.75 -13.86 -10.79
C SER D 262 6.23 -13.88 -10.69
N ARG D 263 5.73 -14.80 -9.87
CA ARG D 263 4.32 -14.86 -9.43
C ARG D 263 4.06 -13.82 -8.33
N VAL D 264 5.07 -13.16 -7.73
CA VAL D 264 4.84 -12.50 -6.42
C VAL D 264 4.02 -11.21 -6.54
N GLY D 265 4.19 -10.45 -7.63
CA GLY D 265 3.37 -9.24 -7.84
C GLY D 265 4.13 -7.94 -8.00
N SER D 266 5.33 -7.83 -7.45
CA SER D 266 6.11 -6.59 -7.57
C SER D 266 7.58 -6.94 -7.47
N GLY D 267 8.41 -6.00 -7.92
CA GLY D 267 9.85 -6.16 -7.80
C GLY D 267 10.43 -6.72 -9.08
N SER D 268 11.74 -6.66 -9.17
CA SER D 268 12.52 -7.08 -10.35
C SER D 268 12.83 -8.57 -10.26
N THR D 269 12.65 -9.31 -11.34
CA THR D 269 13.20 -10.68 -11.41
C THR D 269 14.62 -10.52 -11.93
N THR D 270 15.58 -10.52 -11.04
CA THR D 270 16.91 -9.97 -11.32
C THR D 270 17.84 -11.01 -11.99
N GLN D 271 18.80 -10.46 -12.70
CA GLN D 271 20.02 -11.19 -13.13
C GLN D 271 20.94 -11.40 -11.93
N GLU D 272 21.76 -12.45 -11.94
CA GLU D 272 22.90 -12.63 -11.00
C GLU D 272 22.36 -12.76 -9.57
N ALA D 273 21.23 -13.43 -9.43
CA ALA D 273 20.65 -13.89 -8.14
C ALA D 273 20.88 -15.39 -8.08
N GLU D 274 19.87 -16.23 -7.87
CA GLU D 274 20.11 -17.68 -7.62
C GLU D 274 20.19 -18.45 -8.94
N VAL D 275 19.76 -17.84 -10.05
CA VAL D 275 19.64 -18.57 -11.34
C VAL D 275 20.75 -18.07 -12.27
N ASP D 276 21.60 -18.99 -12.70
CA ASP D 276 22.67 -18.71 -13.70
C ASP D 276 22.01 -18.66 -15.09
N ASP D 277 21.52 -17.51 -15.49
CA ASP D 277 20.73 -17.35 -16.73
C ASP D 277 21.64 -17.61 -17.95
N LYS D 278 22.89 -17.13 -17.89
CA LYS D 278 23.87 -17.31 -19.00
C LYS D 278 24.10 -18.80 -19.23
N LYS D 279 24.35 -19.59 -18.18
CA LYS D 279 24.63 -21.04 -18.32
C LYS D 279 23.38 -21.77 -18.82
N LEU D 280 22.18 -21.43 -18.29
CA LEU D 280 20.94 -22.18 -18.60
C LEU D 280 20.29 -21.72 -19.92
N GLY D 281 20.71 -20.57 -20.46
CA GLY D 281 20.17 -19.99 -21.71
C GLY D 281 18.91 -19.15 -21.53
N PHE D 282 18.67 -18.59 -20.33
CA PHE D 282 17.44 -17.83 -20.03
C PHE D 282 17.67 -16.31 -20.08
N VAL D 283 16.57 -15.58 -20.16
CA VAL D 283 16.49 -14.10 -20.03
C VAL D 283 15.87 -13.80 -18.66
N ALA D 284 16.39 -12.83 -17.91
CA ALA D 284 15.72 -12.31 -16.69
C ALA D 284 14.86 -11.12 -17.11
N THR D 285 13.56 -11.07 -16.77
CA THR D 285 12.66 -10.02 -17.29
C THR D 285 12.75 -8.75 -16.44
N GLU D 286 13.45 -8.80 -15.31
CA GLU D 286 13.69 -7.60 -14.48
C GLU D 286 12.33 -7.02 -14.05
N SER D 287 12.11 -5.71 -14.14
CA SER D 287 11.01 -5.03 -13.38
C SER D 287 9.73 -4.94 -14.24
N LEU D 288 9.15 -6.10 -14.48
CA LEU D 288 7.85 -6.21 -15.20
C LEU D 288 7.00 -7.16 -14.35
N ASN D 289 6.03 -7.79 -14.98
CA ASN D 289 5.23 -8.86 -14.37
C ASN D 289 5.03 -9.88 -15.49
N PRO D 290 4.54 -11.09 -15.19
CA PRO D 290 4.47 -12.16 -16.19
C PRO D 290 3.71 -11.72 -17.43
N GLN D 291 2.57 -11.06 -17.26
CA GLN D 291 1.69 -10.80 -18.43
C GLN D 291 2.27 -9.69 -19.29
N LYS D 292 2.93 -8.68 -18.71
CA LYS D 292 3.59 -7.66 -19.57
C LYS D 292 4.93 -8.18 -20.10
N ALA D 293 5.66 -9.04 -19.36
CA ALA D 293 6.87 -9.71 -19.88
C ALA D 293 6.48 -10.52 -21.11
N ARG D 294 5.30 -11.15 -21.09
CA ARG D 294 4.80 -11.91 -22.27
C ARG D 294 4.71 -10.96 -23.48
N VAL D 295 4.06 -9.80 -23.32
CA VAL D 295 3.91 -8.81 -24.41
C VAL D 295 5.29 -8.43 -24.95
N LEU D 296 6.23 -8.06 -24.06
CA LEU D 296 7.56 -7.62 -24.56
C LEU D 296 8.23 -8.80 -25.29
N LEU D 297 8.14 -10.01 -24.75
CA LEU D 297 8.78 -11.18 -25.40
C LEU D 297 8.12 -11.43 -26.78
N MET D 298 6.80 -11.28 -26.91
CA MET D 298 6.10 -11.46 -28.20
C MET D 298 6.66 -10.44 -29.20
N LEU D 299 6.85 -9.21 -28.79
CA LEU D 299 7.40 -8.16 -29.68
C LEU D 299 8.87 -8.47 -29.98
N ALA D 300 9.66 -8.88 -29.00
CA ALA D 300 11.09 -9.21 -29.19
C ALA D 300 11.20 -10.28 -30.29
N LEU D 301 10.31 -11.26 -30.22
CA LEU D 301 10.35 -12.44 -31.13
C LEU D 301 9.97 -12.05 -32.57
N THR D 302 9.35 -10.91 -32.80
CA THR D 302 9.08 -10.44 -34.19
C THR D 302 10.42 -10.09 -34.82
N LYS D 303 11.51 -9.97 -34.08
CA LYS D 303 12.76 -9.70 -34.81
C LYS D 303 13.99 -10.47 -34.34
N THR D 304 13.94 -11.23 -33.24
CA THR D 304 15.10 -12.04 -32.82
C THR D 304 14.64 -13.14 -31.87
N SER D 305 15.37 -14.26 -31.81
CA SER D 305 15.30 -15.24 -30.71
C SER D 305 16.66 -15.36 -30.03
N ASP D 306 17.58 -14.43 -30.26
CA ASP D 306 18.93 -14.44 -29.65
C ASP D 306 18.82 -14.04 -28.16
N ARG D 307 19.35 -14.85 -27.27
CA ARG D 307 19.23 -14.60 -25.80
C ARG D 307 19.78 -13.23 -25.45
N GLU D 308 20.99 -12.87 -25.92
CA GLU D 308 21.67 -11.60 -25.56
C GLU D 308 20.83 -10.42 -26.04
N ALA D 309 20.34 -10.47 -27.28
CA ALA D 309 19.55 -9.37 -27.86
C ALA D 309 18.26 -9.22 -27.06
N ILE D 310 17.68 -10.35 -26.63
CA ILE D 310 16.37 -10.27 -25.90
C ILE D 310 16.63 -9.81 -24.46
N GLN D 311 17.74 -10.21 -23.84
CA GLN D 311 18.07 -9.65 -22.50
C GLN D 311 18.23 -8.14 -22.64
N LYS D 312 18.88 -7.66 -23.70
CA LYS D 312 19.06 -6.19 -23.85
C LYS D 312 17.69 -5.53 -24.01
N ILE D 313 16.73 -6.16 -24.70
CA ILE D 313 15.37 -5.60 -24.84
C ILE D 313 14.75 -5.44 -23.44
N PHE D 314 14.79 -6.48 -22.62
CA PHE D 314 14.17 -6.46 -21.27
C PHE D 314 14.94 -5.47 -20.40
N SER D 315 16.24 -5.30 -20.62
CA SER D 315 17.07 -4.36 -19.83
C SER D 315 16.94 -2.92 -20.36
N THR D 316 16.15 -2.67 -21.40
CA THR D 316 15.98 -1.34 -22.02
C THR D 316 14.56 -0.81 -21.83
N TYR D 317 13.54 -1.60 -22.20
CA TYR D 317 12.14 -1.14 -22.28
C TYR D 317 11.43 -1.25 -20.93
N ASP E . -15.66 17.76 4.24
CA ASP E . -16.69 16.79 4.04
C ASP E . -17.16 16.34 5.43
O ASP E . -18.28 16.51 5.92
CB ASP E . -16.03 15.69 3.18
CG ASP E . -16.80 14.44 2.83
OD1 ASP E . -16.33 13.78 1.83
OD2 ASP E . -17.81 14.06 3.53
OXT ASP E . -16.24 15.78 6.06
N ASP F . 15.11 -18.98 -2.78
CA ASP F . 15.18 -18.71 -1.36
C ASP F . 14.25 -19.70 -0.66
O ASP F . 13.02 -19.45 -0.75
CB ASP F . 14.85 -17.24 -1.13
CG ASP F . 14.74 -16.82 0.31
OD1 ASP F . 14.65 -15.57 0.52
OD2 ASP F . 14.73 -17.71 1.20
OXT ASP F . 14.74 -20.71 -0.11
N ASP G . 15.46 10.06 15.85
CA ASP G . 16.41 9.46 14.92
C ASP G . 16.87 10.60 14.02
O ASP G . 16.06 10.99 13.20
CB ASP G . 15.69 8.34 14.16
CG ASP G . 16.44 7.70 13.01
OD1 ASP G . 15.95 6.62 12.60
OD2 ASP G . 17.49 8.26 12.48
OXT ASP G . 17.98 11.12 14.13
N ASP H . -14.15 -8.97 -17.48
CA ASP H . -14.28 -7.51 -17.65
C ASP H . -13.34 -7.13 -18.79
O ASP H . -13.79 -6.91 -19.92
CB ASP H . -13.94 -6.79 -16.35
CG ASP H . -13.92 -5.27 -16.38
OD1 ASP H . -13.92 -4.68 -17.47
OD2 ASP H . -13.90 -4.69 -15.26
OXT ASP H . -12.14 -7.08 -18.50
#